data_6LPB
#
_entry.id   6LPB
#
_cell.length_a   1.00
_cell.length_b   1.00
_cell.length_c   1.00
_cell.angle_alpha   90.00
_cell.angle_beta   90.00
_cell.angle_gamma   90.00
#
_symmetry.space_group_name_H-M   'P 1'
#
loop_
_entity.id
_entity.type
_entity.pdbx_description
1 polymer 'Pituitary adenylate cyclase-activating polypeptide'
2 polymer 'Pituitary adenylate cyclase-activating polypeptide type I receptor'
3 polymer 'Guanine nucleotide-binding protein G(I)/G(S)/G(T) subunit beta-1'
4 polymer 'Guanine nucleotide-binding protein G(s) subunit alpha isoforms short,Guanine nucleotide-binding protein G(s) subunit alpha isoforms short'
5 polymer 'nanobody Nb35'
6 polymer 'Guanine nucleotide-binding protein G(I)/G(S)/G(O) subunit gamma-2'
#
loop_
_entity_poly.entity_id
_entity_poly.type
_entity_poly.pdbx_seq_one_letter_code
_entity_poly.pdbx_strand_id
1 'polypeptide(L)' HSDGIFTDSYSRYRKQMAVKKYLAAVLGKRYKQRVKNK P
2 'polypeptide(L)'
;MHSDCIFKKEQAMCLEKIQRANELMGFNDSSPGCPGMWDNITCWKPAHVGEMVLVSCPELFRIFNPDQVWETETIGESDF
GDSNSLDLSDMGVVSRNCTEDGWSEPFPHYFDACGFDEYESETGDQDYYYLSVKALYTVGYSTSLVTLTTAMVILCRFRK
LHCTRNFIHMNLFVSFMLRAISVFIKDWILYAEQDSNHCFISTVECKAVMVFFHYCVVSNYFWLFIEGLYLFTLLVETFF
PERRYFYWYTIIGWGTPTVCVTVWATLRLYFDDTGCWDMNDSTALWWVIKGPVVGSIMVNFVLFIGIIVILVQKLQSPDM
GGNESSIYLRLARSTLLLIPLFGIHYTVFAFSPENVSKRERLVFELGLGSFQGFVVAVLYCFLNGEVQAEIKRKWRSENL
YFQ
;
R
3 'polypeptide(L)'
;MHHHHHHGSLLQSELDQLRQEAEQLKNQIRDARKACADATLSQITNNIDPVGRIQMRTRRTLRGHLAKIYAMHWGTDSRL
LVSASQDGKLIIWDSYTTNKVHAIPLRSSWVMTCAYAPSGNYVACGGLDNICSIYNLKTREGNVRVSRELAGHTGYLSCC
RFLDDNQIVTSSGDTTCALWDIETGQQTTTFTGHTGDVMSLSLAPDTRLFVSGACDASAKLWDVREGMCRQTFTGHESDI
NAICFFPNGNAFATGSDDATCRLFDLRADQELMTYSHDNIICGITSVSFSKSGRLLLAGYDDFNCNVWDALKADRAGVLA
GHDNRVSCLGVTDDGMAVATGSWDSFLKIWN
;
B
4 'polypeptide(L)'
;GNSKTEDQRNEEKAQREANKKIEKQLQKDKQVYRATHRLLLLGADNSGKSTIVKQMRILHGGSGGSGGTSGIFETKFQVD
KVNFHMFDVGGQRDERRKWIQCFNDVTAIIFVVDSSDYNRLQEALNLFKSIWNNRWLRTISVILFLNKQDLLAEKVLAGK
SKIEDYFPEFARYTTPEDATPEPGEDPRVTRAKYFIRDEFLRISTASGDGRHYCYPHFTCAVDTENARRIFNDCRDIIQR
MHLRQYELL
;
A
5 'polypeptide(L)'
;MGQVQLQESGGGLVQPGGSLRLSCAASGFTFSNYKMNWVRQAPGKGLEWVSDISQSGASISYTGSVKGRFTISRDNAKNT
LYLQMNSLKPEDTAVYYCARCPAPFTRDCFDVTSTTYAYRGQGTQVTVSSLHHHHHH
;
N
6 'polypeptide(L)' MASNNTASIAQARKLVEQLKMEANIDRIKVSKAAADLMAYCEAHAKEDPLLTPVPASENPFREKKFFS G
#
# COMPACT_ATOMS: atom_id res chain seq x y z
N HIS A 1 36.92 -0.91 -11.88
CA HIS A 1 36.78 -1.72 -13.08
C HIS A 1 37.52 -3.02 -12.83
N SER A 2 36.87 -4.14 -13.04
CA SER A 2 37.54 -5.40 -12.79
C SER A 2 37.61 -6.29 -14.02
N ASP A 3 36.67 -6.15 -14.95
CA ASP A 3 36.78 -6.92 -16.17
C ASP A 3 37.79 -6.30 -17.11
N GLY A 4 38.00 -5.00 -17.00
CA GLY A 4 38.97 -4.34 -17.87
C GLY A 4 40.39 -4.69 -17.50
N ILE A 5 40.67 -4.85 -16.22
CA ILE A 5 42.02 -5.23 -15.81
C ILE A 5 42.31 -6.67 -16.19
N PHE A 6 41.29 -7.53 -16.14
CA PHE A 6 41.49 -8.92 -16.54
C PHE A 6 41.69 -9.06 -18.04
N THR A 7 40.91 -8.34 -18.84
CA THR A 7 41.07 -8.43 -20.29
C THR A 7 42.37 -7.81 -20.74
N ASP A 8 42.81 -6.74 -20.08
CA ASP A 8 44.12 -6.18 -20.38
C ASP A 8 45.24 -7.15 -20.06
N SER A 9 45.21 -7.76 -18.88
CA SER A 9 46.31 -8.63 -18.51
C SER A 9 46.32 -9.93 -19.31
N TYR A 10 45.13 -10.44 -19.65
CA TYR A 10 45.07 -11.68 -20.38
C TYR A 10 45.47 -11.51 -21.83
N SER A 11 45.06 -10.41 -22.46
CA SER A 11 45.43 -10.23 -23.86
C SER A 11 46.90 -9.86 -24.00
N ARG A 12 47.45 -9.12 -23.03
CA ARG A 12 48.89 -8.87 -23.03
C ARG A 12 49.68 -10.15 -22.82
N TYR A 13 49.20 -11.03 -21.95
CA TYR A 13 49.88 -12.30 -21.75
C TYR A 13 49.80 -13.19 -22.98
N ARG A 14 48.66 -13.21 -23.64
CA ARG A 14 48.50 -14.14 -24.75
C ARG A 14 49.31 -13.68 -25.96
N LYS A 15 49.44 -12.37 -26.15
CA LYS A 15 50.36 -11.86 -27.16
C LYS A 15 51.80 -12.18 -26.80
N GLN A 16 52.15 -12.12 -25.52
CA GLN A 16 53.50 -12.45 -25.10
C GLN A 16 53.81 -13.93 -25.34
N MET A 17 52.82 -14.80 -25.14
CA MET A 17 53.01 -16.22 -25.39
C MET A 17 53.21 -16.51 -26.86
N ALA A 18 52.41 -15.88 -27.73
CA ALA A 18 52.55 -16.14 -29.17
C ALA A 18 53.86 -15.58 -29.72
N VAL A 19 54.31 -14.43 -29.20
CA VAL A 19 55.56 -13.87 -29.69
C VAL A 19 56.75 -14.70 -29.21
N LYS A 20 56.69 -15.22 -27.98
CA LYS A 20 57.76 -16.07 -27.50
C LYS A 20 57.81 -17.41 -28.25
N LYS A 21 56.65 -17.95 -28.62
CA LYS A 21 56.62 -19.17 -29.42
C LYS A 21 57.11 -18.92 -30.84
N TYR A 22 56.88 -17.72 -31.36
CA TYR A 22 57.34 -17.39 -32.70
C TYR A 22 58.85 -17.15 -32.73
N LEU A 23 59.39 -16.52 -31.69
CA LEU A 23 60.84 -16.35 -31.59
C LEU A 23 61.51 -17.61 -31.09
N ALA A 24 60.73 -18.62 -30.71
CA ALA A 24 61.31 -19.94 -30.49
C ALA A 24 61.32 -20.77 -31.77
N ALA A 25 60.30 -20.61 -32.62
CA ALA A 25 60.23 -21.42 -33.83
C ALA A 25 61.18 -20.91 -34.91
N VAL A 26 61.51 -19.63 -34.88
CA VAL A 26 62.41 -19.06 -35.88
C VAL A 26 63.85 -19.16 -35.42
N LEU A 27 64.15 -18.69 -34.21
CA LEU A 27 65.53 -18.65 -33.76
C LEU A 27 65.96 -19.91 -33.00
N GLY A 28 65.06 -20.84 -32.76
CA GLY A 28 65.44 -22.10 -32.15
C GLY A 28 65.62 -22.02 -30.65
N ILE B 6 51.64 -11.68 -38.61
CA ILE B 6 52.19 -10.48 -37.99
C ILE B 6 53.57 -10.21 -38.55
N PHE B 7 54.14 -11.22 -39.17
CA PHE B 7 55.51 -11.09 -39.67
C PHE B 7 55.53 -10.70 -41.14
N LYS B 8 54.48 -11.06 -41.89
CA LYS B 8 54.54 -10.86 -43.33
C LYS B 8 54.31 -9.40 -43.72
N LYS B 9 53.66 -8.63 -42.85
CA LYS B 9 53.35 -7.24 -43.20
C LYS B 9 54.57 -6.35 -43.03
N GLU B 10 55.32 -6.52 -41.94
CA GLU B 10 56.60 -5.83 -41.78
C GLU B 10 57.63 -6.35 -42.78
N GLN B 11 57.50 -7.62 -43.17
CA GLN B 11 58.27 -8.16 -44.28
C GLN B 11 57.97 -7.41 -45.56
N ALA B 12 56.68 -7.13 -45.81
CA ALA B 12 56.28 -6.43 -47.03
C ALA B 12 56.75 -4.98 -47.02
N MET B 13 56.67 -4.34 -45.85
CA MET B 13 57.10 -2.95 -45.72
C MET B 13 58.59 -2.79 -45.97
N CYS B 14 59.42 -3.61 -45.33
CA CYS B 14 60.85 -3.38 -45.54
C CYS B 14 61.32 -3.99 -46.87
N LEU B 15 60.56 -4.93 -47.46
CA LEU B 15 60.97 -5.38 -48.80
C LEU B 15 60.63 -4.32 -49.83
N GLU B 16 59.59 -3.53 -49.58
CA GLU B 16 59.35 -2.34 -50.40
C GLU B 16 60.49 -1.35 -50.23
N LYS B 17 61.02 -1.22 -49.00
CA LYS B 17 62.19 -0.38 -48.77
C LYS B 17 63.43 -0.94 -49.48
N ILE B 18 63.55 -2.27 -49.53
CA ILE B 18 64.70 -2.93 -50.13
C ILE B 18 64.68 -2.78 -51.65
N GLN B 19 63.51 -2.97 -52.26
CA GLN B 19 63.45 -2.80 -53.72
C GLN B 19 63.61 -1.34 -54.11
N ARG B 20 63.14 -0.41 -53.27
CA ARG B 20 63.42 1.00 -53.49
C ARG B 20 64.92 1.27 -53.38
N ALA B 21 65.58 0.63 -52.44
CA ALA B 21 67.02 0.86 -52.26
C ALA B 21 67.82 0.31 -53.44
N ASN B 22 67.49 -0.91 -53.89
CA ASN B 22 68.28 -1.53 -54.96
C ASN B 22 67.94 -0.93 -56.32
N GLU B 23 66.75 -0.35 -56.48
CA GLU B 23 66.46 0.30 -57.76
C GLU B 23 66.97 1.74 -57.79
N LEU B 24 67.24 2.34 -56.62
CA LEU B 24 67.95 3.62 -56.64
C LEU B 24 69.45 3.42 -56.83
N MET B 25 70.03 2.42 -56.18
CA MET B 25 71.44 2.14 -56.40
C MET B 25 71.71 1.46 -57.73
N GLY B 26 70.71 0.82 -58.33
CA GLY B 26 70.87 0.09 -59.57
C GLY B 26 70.74 0.96 -60.80
N PHE B 27 70.51 2.26 -60.59
CA PHE B 27 70.53 3.21 -61.70
C PHE B 27 71.97 3.49 -62.13
N ASN B 28 72.88 3.58 -61.15
CA ASN B 28 74.29 3.80 -61.45
C ASN B 28 74.92 2.53 -62.01
N ASP B 29 76.15 2.69 -62.55
CA ASP B 29 76.83 1.57 -63.17
C ASP B 29 77.30 0.55 -62.14
N SER B 30 77.54 0.99 -60.90
CA SER B 30 77.88 0.08 -59.83
C SER B 30 76.63 -0.56 -59.22
N SER B 31 76.85 -1.53 -58.34
CA SER B 31 75.80 -2.23 -57.62
C SER B 31 76.35 -2.77 -56.32
N PRO B 32 75.50 -2.97 -55.31
CA PRO B 32 75.96 -3.68 -54.09
C PRO B 32 76.26 -5.13 -54.39
N GLY B 33 77.33 -5.65 -53.78
CA GLY B 33 77.74 -7.02 -54.03
C GLY B 33 76.77 -8.04 -53.47
N CYS B 34 76.07 -7.67 -52.39
CA CYS B 34 74.97 -8.45 -51.87
C CYS B 34 73.74 -7.56 -51.79
N PRO B 35 72.59 -7.97 -52.33
CA PRO B 35 71.42 -7.10 -52.31
C PRO B 35 70.80 -7.00 -50.92
N GLY B 36 69.87 -6.06 -50.78
CA GLY B 36 69.21 -5.85 -49.50
C GLY B 36 68.30 -7.01 -49.16
N MET B 37 68.24 -7.34 -47.87
CA MET B 37 67.49 -8.50 -47.41
C MET B 37 66.83 -8.21 -46.08
N TRP B 38 65.59 -8.69 -45.96
CA TRP B 38 64.87 -8.73 -44.69
C TRP B 38 65.10 -10.11 -44.07
N ASP B 39 65.82 -10.15 -42.95
CA ASP B 39 65.93 -11.42 -42.25
C ASP B 39 64.66 -11.65 -41.45
N ASN B 40 64.61 -12.76 -40.72
CA ASN B 40 63.32 -13.29 -40.28
C ASN B 40 62.71 -12.46 -39.15
N ILE B 41 63.42 -11.45 -38.64
CA ILE B 41 62.81 -10.45 -37.77
C ILE B 41 63.13 -9.01 -38.18
N THR B 42 64.22 -8.76 -38.92
CA THR B 42 64.63 -7.39 -39.23
C THR B 42 65.18 -7.33 -40.67
N CYS B 43 65.69 -6.18 -41.10
CA CYS B 43 66.24 -6.01 -42.44
C CYS B 43 67.54 -5.23 -42.41
N TRP B 44 68.26 -5.27 -43.53
CA TRP B 44 69.55 -4.62 -43.70
C TRP B 44 69.57 -3.88 -45.04
N LYS B 45 70.20 -2.71 -45.05
CA LYS B 45 70.33 -1.94 -46.29
C LYS B 45 71.47 -2.52 -47.13
N PRO B 46 71.37 -2.48 -48.46
CA PRO B 46 72.42 -3.06 -49.29
C PRO B 46 73.68 -2.22 -49.30
N ALA B 47 74.83 -2.90 -49.40
CA ALA B 47 76.13 -2.25 -49.36
C ALA B 47 77.15 -3.14 -50.03
N HIS B 48 78.37 -2.61 -50.18
CA HIS B 48 79.45 -3.33 -50.81
C HIS B 48 80.04 -4.35 -49.83
N VAL B 49 81.05 -5.09 -50.31
CA VAL B 49 81.76 -6.02 -49.44
C VAL B 49 82.63 -5.25 -48.48
N GLY B 50 82.83 -5.80 -47.29
CA GLY B 50 83.62 -5.17 -46.26
C GLY B 50 82.85 -4.15 -45.42
N GLU B 51 81.64 -3.78 -45.84
CA GLU B 51 80.88 -2.79 -45.11
C GLU B 51 80.25 -3.40 -43.86
N MET B 52 79.70 -2.54 -43.03
CA MET B 52 79.01 -2.91 -41.80
C MET B 52 77.70 -2.15 -41.75
N VAL B 53 76.60 -2.84 -42.04
CA VAL B 53 75.27 -2.24 -42.06
C VAL B 53 74.65 -2.41 -40.67
N LEU B 54 73.99 -1.36 -40.17
CA LEU B 54 73.59 -1.26 -38.79
C LEU B 54 72.09 -0.98 -38.68
N VAL B 55 71.44 -1.60 -37.71
CA VAL B 55 70.03 -1.33 -37.42
C VAL B 55 69.74 -1.68 -35.97
N SER B 56 68.78 -0.97 -35.37
CA SER B 56 68.27 -1.36 -34.07
C SER B 56 67.16 -2.41 -34.24
N CYS B 57 66.62 -2.89 -33.11
CA CYS B 57 65.65 -3.95 -33.17
C CYS B 57 64.22 -3.39 -33.22
N PRO B 58 63.31 -4.07 -33.94
CA PRO B 58 61.93 -3.59 -34.00
C PRO B 58 61.19 -3.88 -32.71
N GLU B 59 59.93 -3.46 -32.62
CA GLU B 59 59.22 -3.25 -31.35
C GLU B 59 58.96 -4.52 -30.55
N LEU B 60 59.31 -5.71 -31.08
CA LEU B 60 59.08 -6.97 -30.39
C LEU B 60 59.86 -7.05 -29.07
N PHE B 61 60.98 -6.32 -28.96
CA PHE B 61 61.75 -6.29 -27.72
C PHE B 61 60.98 -5.68 -26.56
N ARG B 62 59.93 -4.88 -26.84
CA ARG B 62 59.12 -4.28 -25.78
C ARG B 62 58.44 -5.35 -24.92
N ILE B 63 58.12 -6.51 -25.48
CA ILE B 63 57.57 -7.57 -24.65
C ILE B 63 58.63 -8.65 -24.39
N PHE B 64 59.84 -8.51 -24.93
CA PHE B 64 60.94 -9.40 -24.55
C PHE B 64 61.70 -8.88 -23.33
N ASN B 65 62.24 -7.65 -23.42
CA ASN B 65 62.87 -6.98 -22.29
C ASN B 65 62.66 -5.47 -22.43
N PRO B 66 61.91 -4.84 -21.52
CA PRO B 66 61.49 -3.45 -21.73
C PRO B 66 62.44 -2.36 -21.28
N ASP B 67 63.63 -2.67 -20.77
CA ASP B 67 64.44 -1.64 -20.14
C ASP B 67 65.47 -1.00 -21.07
N GLN B 68 65.63 -1.49 -22.29
CA GLN B 68 66.60 -0.89 -23.21
C GLN B 68 65.91 0.04 -24.21
N VAL B 69 65.46 1.18 -23.70
CA VAL B 69 64.76 2.16 -24.54
C VAL B 69 65.33 3.55 -24.34
N MET B 91 69.54 1.42 -26.39
CA MET B 91 68.81 0.29 -26.94
C MET B 91 69.77 -0.68 -27.61
N GLY B 92 69.24 -1.83 -28.02
CA GLY B 92 70.05 -2.82 -28.70
C GLY B 92 70.20 -2.47 -30.18
N VAL B 93 71.42 -2.61 -30.69
CA VAL B 93 71.69 -2.37 -32.10
C VAL B 93 72.52 -3.54 -32.61
N VAL B 94 72.15 -4.03 -33.79
CA VAL B 94 72.75 -5.20 -34.40
C VAL B 94 73.28 -4.81 -35.78
N SER B 95 74.51 -5.22 -36.07
CA SER B 95 75.16 -5.02 -37.35
C SER B 95 75.23 -6.33 -38.13
N ARG B 96 75.59 -6.20 -39.40
CA ARG B 96 75.88 -7.36 -40.25
C ARG B 96 76.87 -6.90 -41.32
N ASN B 97 77.59 -7.87 -41.88
CA ASN B 97 78.64 -7.62 -42.85
C ASN B 97 78.26 -8.29 -44.17
N CYS B 98 79.00 -7.96 -45.23
CA CYS B 98 78.73 -8.51 -46.55
C CYS B 98 79.97 -9.22 -47.08
N THR B 99 79.76 -10.09 -48.08
CA THR B 99 80.81 -10.88 -48.69
C THR B 99 80.35 -11.18 -50.11
N GLU B 100 81.31 -11.31 -51.05
CA GLU B 100 80.99 -11.60 -52.45
C GLU B 100 80.26 -12.93 -52.61
N ASP B 101 80.42 -13.85 -51.66
CA ASP B 101 79.60 -15.05 -51.65
C ASP B 101 78.19 -14.76 -51.15
N GLY B 102 78.05 -13.92 -50.13
CA GLY B 102 76.72 -13.62 -49.62
C GLY B 102 76.73 -12.76 -48.37
N TRP B 103 75.59 -12.71 -47.71
CA TRP B 103 75.45 -11.93 -46.48
C TRP B 103 76.16 -12.63 -45.33
N SER B 104 77.13 -11.95 -44.73
CA SER B 104 78.03 -12.59 -43.78
C SER B 104 77.42 -12.69 -42.38
N GLU B 105 78.27 -13.02 -41.42
CA GLU B 105 77.82 -13.27 -40.06
C GLU B 105 77.54 -11.95 -39.34
N PRO B 106 76.42 -11.84 -38.63
CA PRO B 106 76.08 -10.56 -37.98
C PRO B 106 76.80 -10.38 -36.64
N PHE B 107 76.34 -9.35 -35.94
CA PHE B 107 76.59 -8.96 -34.55
C PHE B 107 75.98 -9.99 -33.60
N PRO B 108 76.24 -9.91 -32.29
CA PRO B 108 75.32 -10.53 -31.33
C PRO B 108 73.88 -10.12 -31.59
N HIS B 109 73.05 -11.11 -31.91
CA HIS B 109 71.78 -10.87 -32.57
C HIS B 109 70.74 -10.29 -31.62
N TYR B 110 69.52 -10.18 -32.15
CA TYR B 110 68.46 -9.42 -31.49
C TYR B 110 67.98 -10.09 -30.22
N PHE B 111 68.07 -11.42 -30.14
CA PHE B 111 67.85 -12.11 -28.88
C PHE B 111 68.97 -11.80 -27.90
N ASP B 112 70.20 -11.71 -28.40
CA ASP B 112 71.33 -11.43 -27.51
C ASP B 112 71.43 -9.95 -27.18
N ALA B 113 71.34 -9.09 -28.20
CA ALA B 113 71.63 -7.66 -28.01
C ALA B 113 70.50 -6.95 -27.28
N CYS B 114 69.27 -7.10 -27.74
CA CYS B 114 68.15 -6.49 -27.05
C CYS B 114 67.12 -7.56 -26.69
N GLN B 126 51.08 -20.45 -14.43
CA GLN B 126 50.48 -19.13 -14.50
C GLN B 126 49.27 -19.10 -15.41
N ASP B 127 49.29 -19.87 -16.50
CA ASP B 127 48.10 -19.95 -17.33
C ASP B 127 46.98 -20.74 -16.67
N TYR B 128 47.32 -21.60 -15.69
CA TYR B 128 46.30 -22.24 -14.87
C TYR B 128 45.52 -21.20 -14.07
N TYR B 129 46.20 -20.12 -13.65
CA TYR B 129 45.53 -19.06 -12.89
C TYR B 129 44.53 -18.31 -13.73
N TYR B 130 44.92 -17.91 -14.95
CA TYR B 130 44.01 -17.16 -15.80
C TYR B 130 42.84 -18.02 -16.26
N LEU B 131 43.08 -19.31 -16.49
CA LEU B 131 41.96 -20.17 -16.86
C LEU B 131 41.08 -20.46 -15.65
N SER B 132 41.65 -20.39 -14.45
CA SER B 132 40.85 -20.53 -13.23
C SER B 132 39.88 -19.36 -13.06
N VAL B 133 40.38 -18.14 -13.20
CA VAL B 133 39.55 -16.94 -13.10
C VAL B 133 38.50 -16.93 -14.20
N LYS B 134 38.86 -17.33 -15.42
CA LYS B 134 37.91 -17.30 -16.52
C LYS B 134 36.81 -18.34 -16.34
N ALA B 135 37.14 -19.51 -15.81
CA ALA B 135 36.09 -20.49 -15.54
C ALA B 135 35.20 -20.05 -14.39
N LEU B 136 35.79 -19.37 -13.40
CA LEU B 136 35.03 -18.95 -12.23
C LEU B 136 34.02 -17.86 -12.58
N TYR B 137 34.38 -16.92 -13.44
CA TYR B 137 33.38 -15.90 -13.74
C TYR B 137 32.45 -16.35 -14.86
N THR B 138 32.82 -17.36 -15.64
CA THR B 138 31.87 -17.83 -16.64
C THR B 138 30.75 -18.64 -15.99
N VAL B 139 31.05 -19.37 -14.92
CA VAL B 139 29.94 -19.96 -14.17
C VAL B 139 29.23 -18.88 -13.34
N GLY B 140 29.97 -17.84 -12.93
CA GLY B 140 29.36 -16.79 -12.14
C GLY B 140 28.36 -15.94 -12.89
N TYR B 141 28.75 -15.41 -14.05
CA TYR B 141 27.83 -14.58 -14.81
C TYR B 141 26.70 -15.41 -15.41
N SER B 142 26.93 -16.71 -15.63
CA SER B 142 25.85 -17.51 -16.17
C SER B 142 24.78 -17.80 -15.13
N THR B 143 25.20 -18.12 -13.89
CA THR B 143 24.18 -18.28 -12.85
C THR B 143 23.55 -16.93 -12.50
N SER B 144 24.28 -15.83 -12.72
CA SER B 144 23.72 -14.50 -12.55
C SER B 144 22.63 -14.23 -13.56
N LEU B 145 22.90 -14.46 -14.83
CA LEU B 145 21.94 -14.19 -15.88
C LEU B 145 20.71 -15.07 -15.76
N VAL B 146 20.90 -16.32 -15.30
CA VAL B 146 19.76 -17.23 -15.18
C VAL B 146 18.82 -16.80 -14.06
N THR B 147 19.36 -16.52 -12.87
CA THR B 147 18.46 -16.16 -11.78
C THR B 147 17.91 -14.75 -11.95
N LEU B 148 18.56 -13.92 -12.77
CA LEU B 148 18.04 -12.57 -12.95
C LEU B 148 16.91 -12.53 -13.96
N THR B 149 16.97 -13.36 -15.01
CA THR B 149 15.81 -13.38 -15.91
C THR B 149 14.63 -14.07 -15.26
N THR B 150 14.88 -15.01 -14.35
CA THR B 150 13.78 -15.61 -13.59
C THR B 150 13.17 -14.60 -12.61
N ALA B 151 14.02 -13.89 -11.86
CA ALA B 151 13.52 -12.94 -10.88
C ALA B 151 12.94 -11.70 -11.53
N MET B 152 13.28 -11.42 -12.79
CA MET B 152 12.66 -10.31 -13.48
C MET B 152 11.38 -10.76 -14.20
N VAL B 153 11.20 -12.07 -14.39
CA VAL B 153 9.89 -12.55 -14.81
C VAL B 153 8.88 -12.47 -13.67
N ILE B 154 9.30 -12.84 -12.45
CA ILE B 154 8.38 -12.82 -11.32
C ILE B 154 8.12 -11.39 -10.84
N LEU B 155 9.13 -10.51 -10.93
CA LEU B 155 8.92 -9.12 -10.52
C LEU B 155 8.16 -8.34 -11.59
N CYS B 156 8.02 -8.90 -12.78
CA CYS B 156 7.25 -8.24 -13.82
C CYS B 156 6.27 -9.22 -14.45
N CYS B 163 5.36 -0.69 -7.51
CA CYS B 163 5.91 0.47 -6.82
C CYS B 163 6.65 1.38 -7.78
N THR B 164 7.56 2.16 -7.23
CA THR B 164 8.52 2.91 -8.05
C THR B 164 9.95 2.53 -7.69
N ARG B 165 10.15 2.10 -6.44
CA ARG B 165 11.39 1.42 -6.07
C ARG B 165 11.59 0.18 -6.91
N ASN B 166 10.51 -0.52 -7.25
CA ASN B 166 10.62 -1.67 -8.12
C ASN B 166 10.93 -1.26 -9.56
N PHE B 167 10.68 0.00 -9.92
CA PHE B 167 11.14 0.47 -11.22
C PHE B 167 12.66 0.60 -11.24
N ILE B 168 13.25 1.16 -10.19
CA ILE B 168 14.71 1.25 -10.16
C ILE B 168 15.34 -0.14 -10.04
N HIS B 169 14.69 -1.04 -9.30
CA HIS B 169 15.25 -2.39 -9.18
C HIS B 169 15.12 -3.17 -10.48
N MET B 170 14.03 -2.97 -11.23
CA MET B 170 13.93 -3.66 -12.52
C MET B 170 14.88 -3.06 -13.53
N ASN B 171 15.19 -1.78 -13.40
CA ASN B 171 16.19 -1.19 -14.27
C ASN B 171 17.59 -1.69 -13.92
N LEU B 172 17.84 -1.95 -12.64
CA LEU B 172 19.13 -2.49 -12.24
C LEU B 172 19.32 -3.92 -12.75
N PHE B 173 18.24 -4.69 -12.77
CA PHE B 173 18.35 -6.07 -13.23
C PHE B 173 18.53 -6.11 -14.74
N VAL B 174 17.98 -5.11 -15.45
CA VAL B 174 18.30 -4.96 -16.86
C VAL B 174 19.79 -4.68 -17.05
N SER B 175 20.40 -3.89 -16.16
CA SER B 175 21.82 -3.62 -16.32
C SER B 175 22.69 -4.83 -16.00
N PHE B 176 22.27 -5.66 -15.05
CA PHE B 176 23.06 -6.87 -14.77
C PHE B 176 23.00 -7.86 -15.93
N MET B 177 21.83 -8.03 -16.54
CA MET B 177 21.70 -8.95 -17.66
C MET B 177 22.46 -8.44 -18.87
N LEU B 178 22.52 -7.12 -19.05
CA LEU B 178 23.33 -6.58 -20.14
C LEU B 178 24.81 -6.75 -19.88
N ARG B 179 25.24 -6.69 -18.62
CA ARG B 179 26.66 -6.90 -18.33
C ARG B 179 27.09 -8.33 -18.59
N ALA B 180 26.27 -9.30 -18.18
CA ALA B 180 26.64 -10.69 -18.39
C ALA B 180 26.61 -11.08 -19.87
N ILE B 181 25.63 -10.57 -20.61
CA ILE B 181 25.57 -10.83 -22.05
C ILE B 181 26.78 -10.25 -22.75
N SER B 182 27.23 -9.06 -22.32
CA SER B 182 28.33 -8.43 -23.03
C SER B 182 29.65 -9.07 -22.69
N VAL B 183 29.79 -9.62 -21.48
CA VAL B 183 31.04 -10.32 -21.15
C VAL B 183 31.17 -11.61 -21.96
N PHE B 184 30.06 -12.33 -22.14
CA PHE B 184 30.11 -13.55 -22.95
C PHE B 184 30.41 -13.25 -24.41
N ILE B 185 29.88 -12.16 -24.94
CA ILE B 185 30.15 -11.81 -26.33
C ILE B 185 31.62 -11.39 -26.50
N LYS B 186 32.17 -10.67 -25.52
CA LYS B 186 33.58 -10.30 -25.59
C LYS B 186 34.48 -11.53 -25.50
N ASP B 187 34.15 -12.48 -24.63
CA ASP B 187 35.03 -13.63 -24.46
C ASP B 187 34.93 -14.59 -25.63
N TRP B 188 33.77 -14.62 -26.28
CA TRP B 188 33.65 -15.48 -27.45
C TRP B 188 34.31 -14.85 -28.67
N ILE B 189 34.35 -13.52 -28.77
CA ILE B 189 34.90 -12.91 -29.97
C ILE B 189 36.40 -12.72 -29.84
N LEU B 190 36.87 -12.20 -28.71
CA LEU B 190 38.30 -11.95 -28.58
C LEU B 190 39.08 -13.25 -28.42
N TYR B 191 38.51 -14.25 -27.77
CA TYR B 191 39.26 -15.46 -27.48
C TYR B 191 38.71 -16.67 -28.21
N THR B 203 39.94 -5.92 -37.40
CA THR B 203 38.53 -6.18 -37.71
C THR B 203 37.69 -5.07 -37.11
N VAL B 204 36.63 -4.64 -37.80
CA VAL B 204 35.83 -3.55 -37.26
C VAL B 204 34.75 -4.10 -36.33
N GLU B 205 34.50 -5.41 -36.38
CA GLU B 205 33.59 -6.00 -35.42
C GLU B 205 34.25 -6.11 -34.05
N CYS B 206 35.57 -6.28 -34.03
CA CYS B 206 36.28 -6.45 -32.78
C CYS B 206 36.27 -5.16 -31.96
N LYS B 207 36.54 -4.03 -32.60
CA LYS B 207 36.53 -2.77 -31.87
C LYS B 207 35.12 -2.36 -31.48
N ALA B 208 34.13 -2.72 -32.29
CA ALA B 208 32.76 -2.36 -31.97
C ALA B 208 32.22 -3.19 -30.81
N VAL B 209 32.65 -4.44 -30.71
CA VAL B 209 32.24 -5.25 -29.57
C VAL B 209 32.94 -4.79 -28.30
N MET B 210 34.18 -4.31 -28.42
CA MET B 210 34.85 -3.78 -27.23
C MET B 210 34.22 -2.46 -26.76
N VAL B 211 33.72 -1.64 -27.70
CA VAL B 211 33.01 -0.43 -27.30
C VAL B 211 31.68 -0.76 -26.62
N PHE B 212 30.95 -1.76 -27.14
CA PHE B 212 29.73 -2.20 -26.48
C PHE B 212 30.02 -2.81 -25.11
N PHE B 213 31.20 -3.42 -24.96
CA PHE B 213 31.53 -4.02 -23.69
C PHE B 213 31.79 -2.97 -22.62
N HIS B 214 32.54 -1.92 -22.97
CA HIS B 214 32.79 -0.89 -21.98
C HIS B 214 31.55 -0.07 -21.69
N TYR B 215 30.61 -0.03 -22.64
CA TYR B 215 29.35 0.61 -22.34
C TYR B 215 28.54 -0.17 -21.31
N CYS B 216 28.49 -1.49 -21.43
CA CYS B 216 27.69 -2.25 -20.46
C CYS B 216 28.31 -2.24 -19.08
N VAL B 217 29.63 -2.26 -18.99
CA VAL B 217 30.26 -2.30 -17.66
C VAL B 217 30.15 -0.96 -16.96
N VAL B 218 30.45 0.14 -17.66
CA VAL B 218 30.37 1.45 -17.03
C VAL B 218 28.94 1.80 -16.68
N SER B 219 27.97 1.32 -17.47
CA SER B 219 26.57 1.52 -17.11
C SER B 219 26.20 0.76 -15.86
N ASN B 220 26.80 -0.41 -15.62
CA ASN B 220 26.44 -1.14 -14.42
C ASN B 220 27.00 -0.48 -13.17
N TYR B 221 28.19 0.09 -13.24
CA TYR B 221 28.74 0.73 -12.04
C TYR B 221 28.00 2.02 -11.71
N PHE B 222 27.60 2.80 -12.74
CA PHE B 222 26.77 3.97 -12.49
C PHE B 222 25.42 3.58 -11.94
N TRP B 223 24.91 2.43 -12.33
CA TRP B 223 23.57 2.11 -11.90
C TRP B 223 23.53 1.64 -10.45
N LEU B 224 24.60 1.01 -9.97
CA LEU B 224 24.71 0.78 -8.54
C LEU B 224 24.77 2.09 -7.76
N PHE B 225 25.48 3.08 -8.30
CA PHE B 225 25.57 4.37 -7.61
C PHE B 225 24.23 5.09 -7.57
N ILE B 226 23.45 5.03 -8.65
CA ILE B 226 22.18 5.74 -8.68
C ILE B 226 21.15 5.08 -7.77
N GLU B 227 21.27 3.77 -7.56
CA GLU B 227 20.42 3.16 -6.54
C GLU B 227 20.82 3.65 -5.14
N GLY B 228 22.12 3.85 -4.92
CA GLY B 228 22.55 4.40 -3.64
C GLY B 228 22.09 5.82 -3.42
N LEU B 229 22.08 6.62 -4.47
CA LEU B 229 21.60 7.99 -4.38
C LEU B 229 20.09 8.03 -4.22
N TYR B 230 19.39 7.01 -4.70
CA TYR B 230 17.95 6.99 -4.53
C TYR B 230 17.57 6.70 -3.08
N LEU B 231 18.33 5.84 -2.40
CA LEU B 231 18.00 5.63 -0.99
C LEU B 231 18.44 6.81 -0.15
N PHE B 232 19.54 7.46 -0.48
CA PHE B 232 19.98 8.56 0.37
C PHE B 232 19.18 9.83 0.12
N THR B 233 18.64 10.01 -1.08
CA THR B 233 17.77 11.16 -1.28
C THR B 233 16.42 10.94 -0.60
N LEU B 234 16.03 9.68 -0.44
CA LEU B 234 14.74 9.37 0.16
C LEU B 234 14.78 9.55 1.67
N LEU B 235 15.95 9.43 2.28
CA LEU B 235 16.04 9.54 3.74
C LEU B 235 16.43 10.91 4.23
N VAL B 236 16.88 11.81 3.37
CA VAL B 236 17.24 13.15 3.80
C VAL B 236 16.21 14.17 3.37
N GLU B 237 15.91 14.26 2.09
CA GLU B 237 14.83 15.10 1.60
C GLU B 237 13.58 14.24 1.67
N THR B 238 13.05 14.02 2.88
CA THR B 238 12.06 12.96 3.06
C THR B 238 10.72 13.34 2.46
N PHE B 239 10.37 14.62 2.51
CA PHE B 239 9.19 15.12 1.83
C PHE B 239 9.51 15.33 0.35
N PHE B 240 8.64 16.05 -0.34
CA PHE B 240 8.75 16.36 -1.76
C PHE B 240 8.94 15.13 -2.65
N PRO B 241 7.90 14.34 -2.86
CA PRO B 241 8.02 13.27 -3.86
C PRO B 241 7.90 13.86 -5.26
N GLU B 242 9.03 14.01 -5.92
CA GLU B 242 9.09 14.46 -7.30
C GLU B 242 9.54 13.29 -8.14
N ARG B 243 8.61 12.69 -8.89
CA ARG B 243 8.96 11.61 -9.79
C ARG B 243 9.49 12.13 -11.12
N ARG B 244 9.56 13.45 -11.27
CA ARG B 244 10.42 14.06 -12.29
C ARG B 244 11.87 13.63 -12.13
N TYR B 245 12.33 13.42 -10.88
CA TYR B 245 13.61 12.78 -10.60
C TYR B 245 13.79 11.49 -11.38
N PHE B 246 12.73 10.69 -11.51
CA PHE B 246 12.85 9.40 -12.16
C PHE B 246 13.15 9.56 -13.64
N TYR B 247 12.60 10.60 -14.27
CA TYR B 247 12.94 10.89 -15.66
C TYR B 247 14.40 11.34 -15.76
N TRP B 248 14.95 11.88 -14.69
CA TRP B 248 16.36 12.23 -14.72
C TRP B 248 17.23 11.04 -14.38
N TYR B 249 16.69 10.02 -13.71
CA TYR B 249 17.53 8.92 -13.26
C TYR B 249 18.10 8.12 -14.42
N THR B 250 17.25 7.74 -15.38
CA THR B 250 17.75 7.01 -16.52
C THR B 250 18.69 7.86 -17.38
N ILE B 251 18.51 9.18 -17.36
CA ILE B 251 19.35 10.03 -18.20
C ILE B 251 20.76 10.11 -17.61
N ILE B 252 20.89 9.94 -16.29
CA ILE B 252 22.24 9.94 -15.74
C ILE B 252 22.69 8.50 -15.54
N GLY B 253 21.86 7.54 -15.95
CA GLY B 253 22.30 6.16 -15.86
C GLY B 253 22.57 5.49 -17.19
N TRP B 254 21.72 5.74 -18.18
CA TRP B 254 21.93 5.21 -19.52
C TRP B 254 22.42 6.24 -20.51
N GLY B 255 22.58 7.48 -20.07
CA GLY B 255 22.92 8.55 -20.98
C GLY B 255 24.26 9.18 -20.69
N THR B 256 24.81 8.91 -19.52
CA THR B 256 26.20 9.25 -19.25
C THR B 256 27.21 8.22 -19.75
N PRO B 257 27.00 6.89 -19.64
CA PRO B 257 27.99 5.98 -20.24
C PRO B 257 28.09 6.05 -21.74
N THR B 258 27.05 6.52 -22.44
CA THR B 258 27.22 6.76 -23.87
C THR B 258 28.18 7.90 -24.11
N VAL B 259 28.14 8.93 -23.26
CA VAL B 259 29.12 10.01 -23.38
C VAL B 259 30.52 9.51 -23.06
N CYS B 260 30.64 8.62 -22.07
CA CYS B 260 31.96 8.14 -21.69
C CYS B 260 32.59 7.24 -22.75
N VAL B 261 31.82 6.31 -23.32
CA VAL B 261 32.43 5.41 -24.30
C VAL B 261 32.48 6.06 -25.68
N THR B 262 31.72 7.13 -25.92
CA THR B 262 31.89 7.81 -27.21
C THR B 262 33.13 8.70 -27.20
N VAL B 263 33.40 9.40 -26.09
CA VAL B 263 34.68 10.08 -25.99
C VAL B 263 35.83 9.08 -25.93
N TRP B 264 35.59 7.88 -25.37
CA TRP B 264 36.65 6.87 -25.40
C TRP B 264 36.89 6.32 -26.79
N ALA B 265 35.83 6.04 -27.55
CA ALA B 265 36.00 5.46 -28.87
C ALA B 265 36.63 6.45 -29.84
N THR B 266 36.17 7.70 -29.81
CA THR B 266 36.75 8.72 -30.68
C THR B 266 38.19 9.03 -30.29
N LEU B 267 38.47 9.12 -29.00
CA LEU B 267 39.83 9.42 -28.61
C LEU B 267 40.72 8.18 -28.63
N ARG B 268 40.16 7.01 -28.96
CA ARG B 268 40.98 5.86 -29.28
C ARG B 268 41.19 5.68 -30.78
N LEU B 269 40.31 6.22 -31.62
CA LEU B 269 40.46 6.09 -33.06
C LEU B 269 41.63 6.90 -33.57
N TYR B 270 41.74 8.15 -33.16
CA TYR B 270 42.98 8.90 -33.17
C TYR B 270 43.75 8.50 -31.91
N PHE B 271 45.04 8.83 -31.85
CA PHE B 271 45.91 8.58 -30.70
C PHE B 271 45.97 7.09 -30.35
N ASP B 272 46.73 6.36 -31.17
CA ASP B 272 47.15 4.98 -30.92
C ASP B 272 46.02 3.95 -30.84
N ASP B 273 45.35 3.72 -31.97
CA ASP B 273 44.52 2.54 -32.17
C ASP B 273 45.41 1.33 -32.41
N THR B 274 45.48 0.43 -31.44
CA THR B 274 46.34 -0.75 -31.52
C THR B 274 45.57 -2.01 -31.18
N GLY B 275 45.56 -2.95 -32.11
CA GLY B 275 45.00 -4.25 -31.82
C GLY B 275 43.49 -4.22 -31.86
N CYS B 276 42.87 -4.95 -30.95
CA CYS B 276 41.43 -4.90 -30.76
C CYS B 276 41.01 -4.02 -29.61
N TRP B 277 41.76 -2.97 -29.28
CA TRP B 277 41.52 -2.04 -28.19
C TRP B 277 41.44 -2.74 -26.84
N ASP B 278 42.21 -3.81 -26.61
CA ASP B 278 42.15 -4.46 -25.30
C ASP B 278 43.42 -4.23 -24.50
N MET B 279 44.51 -3.91 -25.17
CA MET B 279 45.70 -3.45 -24.46
C MET B 279 45.51 -1.98 -24.17
N ASN B 280 45.38 -1.63 -22.89
CA ASN B 280 45.00 -0.27 -22.52
C ASN B 280 46.14 0.70 -22.72
N ASP B 281 47.35 0.34 -22.25
CA ASP B 281 48.61 0.75 -22.85
C ASP B 281 48.98 2.23 -22.64
N SER B 282 48.03 3.03 -22.17
CA SER B 282 48.20 4.46 -21.97
C SER B 282 47.10 4.93 -21.05
N THR B 283 47.48 5.50 -19.91
CA THR B 283 46.49 5.69 -18.85
C THR B 283 45.55 6.85 -19.16
N ALA B 284 46.01 7.82 -19.97
CA ALA B 284 45.17 8.97 -20.26
C ALA B 284 44.04 8.62 -21.19
N LEU B 285 44.18 7.53 -21.96
CA LEU B 285 43.05 7.02 -22.73
C LEU B 285 42.30 5.96 -21.96
N TRP B 286 42.88 5.49 -20.87
CA TRP B 286 42.21 4.45 -20.09
C TRP B 286 41.33 5.05 -19.03
N TRP B 287 41.70 6.23 -18.52
CA TRP B 287 40.97 6.78 -17.40
C TRP B 287 39.69 7.49 -17.82
N VAL B 288 39.38 7.51 -19.12
CA VAL B 288 38.10 8.07 -19.54
C VAL B 288 36.96 7.10 -19.24
N ILE B 289 37.27 5.82 -19.04
CA ILE B 289 36.27 4.89 -18.54
C ILE B 289 36.63 4.29 -17.21
N LYS B 290 37.65 4.80 -16.54
CA LYS B 290 37.96 4.39 -15.18
C LYS B 290 37.71 5.49 -14.18
N GLY B 291 37.91 6.75 -14.55
CA GLY B 291 37.57 7.88 -13.72
C GLY B 291 36.12 7.94 -13.27
N PRO B 292 35.18 7.79 -14.19
CA PRO B 292 33.78 7.64 -13.79
C PRO B 292 33.48 6.44 -12.90
N VAL B 293 34.16 5.31 -13.08
CA VAL B 293 33.82 4.15 -12.26
C VAL B 293 34.44 4.28 -10.87
N VAL B 294 35.64 4.83 -10.76
CA VAL B 294 36.23 5.08 -9.45
C VAL B 294 35.47 6.18 -8.72
N GLY B 295 34.98 7.17 -9.47
CA GLY B 295 34.15 8.19 -8.87
C GLY B 295 32.84 7.65 -8.35
N SER B 296 32.22 6.74 -9.11
CA SER B 296 30.96 6.13 -8.68
C SER B 296 31.13 5.26 -7.44
N ILE B 297 32.23 4.51 -7.35
CA ILE B 297 32.46 3.66 -6.19
C ILE B 297 32.69 4.50 -4.93
N MET B 298 33.48 5.57 -5.04
CA MET B 298 33.82 6.33 -3.83
C MET B 298 32.65 7.20 -3.36
N VAL B 299 31.87 7.78 -4.28
CA VAL B 299 30.71 8.54 -3.85
C VAL B 299 29.65 7.62 -3.27
N ASN B 300 29.55 6.38 -3.78
CA ASN B 300 28.61 5.44 -3.18
C ASN B 300 29.06 4.98 -1.82
N PHE B 301 30.37 4.99 -1.55
CA PHE B 301 30.82 4.65 -0.21
C PHE B 301 30.44 5.74 0.80
N VAL B 302 30.51 7.01 0.40
CA VAL B 302 30.07 8.07 1.32
C VAL B 302 28.58 7.99 1.58
N LEU B 303 27.79 7.67 0.55
CA LEU B 303 26.35 7.57 0.76
C LEU B 303 26.00 6.36 1.61
N PHE B 304 26.82 5.33 1.58
CA PHE B 304 26.58 4.21 2.49
C PHE B 304 26.90 4.60 3.93
N ILE B 305 27.90 5.46 4.14
CA ILE B 305 28.20 5.92 5.49
C ILE B 305 27.10 6.84 6.00
N GLY B 306 26.56 7.69 5.13
CA GLY B 306 25.46 8.56 5.53
C GLY B 306 24.20 7.79 5.90
N ILE B 307 23.91 6.73 5.16
CA ILE B 307 22.73 5.93 5.46
C ILE B 307 22.92 5.14 6.75
N ILE B 308 24.16 4.70 7.03
CA ILE B 308 24.33 3.94 8.27
C ILE B 308 24.32 4.87 9.48
N VAL B 309 24.62 6.16 9.30
CA VAL B 309 24.52 7.09 10.42
C VAL B 309 23.06 7.37 10.73
N ILE B 310 22.24 7.59 9.70
CA ILE B 310 20.80 7.79 9.90
C ILE B 310 20.15 6.54 10.48
N LEU B 311 20.65 5.36 10.11
CA LEU B 311 20.03 4.14 10.58
C LEU B 311 20.39 3.84 12.03
N VAL B 312 21.62 4.12 12.45
CA VAL B 312 21.96 3.87 13.86
C VAL B 312 21.31 4.94 14.75
N GLN B 313 21.07 6.12 14.19
CA GLN B 313 20.40 7.17 14.96
C GLN B 313 18.93 6.84 15.17
N LYS B 314 18.29 6.22 14.18
CA LYS B 314 16.91 5.78 14.37
C LYS B 314 16.85 4.52 15.21
N LEU B 315 17.93 3.75 15.27
CA LEU B 315 17.85 2.46 15.94
C LEU B 315 18.17 2.57 17.43
N GLN B 316 18.86 3.64 17.83
CA GLN B 316 19.08 3.87 19.26
C GLN B 316 17.78 4.19 19.97
N SER B 317 17.07 5.22 19.51
CA SER B 317 15.76 5.67 20.00
C SER B 317 15.71 5.94 21.50
N SER B 326 18.85 -7.74 19.95
CA SER B 326 19.67 -6.66 20.48
C SER B 326 19.59 -5.44 19.58
N ILE B 327 20.55 -4.54 19.74
CA ILE B 327 20.77 -3.43 18.83
C ILE B 327 21.85 -3.77 17.81
N TYR B 328 22.99 -4.28 18.27
CA TYR B 328 24.15 -4.41 17.41
C TYR B 328 23.98 -5.54 16.40
N LEU B 329 23.25 -6.58 16.78
CA LEU B 329 22.93 -7.62 15.83
C LEU B 329 22.00 -7.09 14.74
N ARG B 330 21.08 -6.20 15.10
CA ARG B 330 20.18 -5.64 14.10
C ARG B 330 20.90 -4.62 13.23
N LEU B 331 21.88 -3.91 13.78
CA LEU B 331 22.67 -2.99 12.96
C LEU B 331 23.55 -3.75 11.98
N ALA B 332 24.19 -4.84 12.42
CA ALA B 332 25.05 -5.60 11.52
C ALA B 332 24.23 -6.36 10.49
N ARG B 333 23.04 -6.82 10.85
CA ARG B 333 22.19 -7.45 9.85
C ARG B 333 21.60 -6.41 8.91
N SER B 334 21.55 -5.15 9.33
CA SER B 334 21.13 -4.11 8.40
C SER B 334 22.24 -3.76 7.43
N THR B 335 23.49 -3.73 7.90
CA THR B 335 24.61 -3.40 7.03
C THR B 335 24.86 -4.51 6.01
N LEU B 336 24.75 -5.76 6.44
CA LEU B 336 25.25 -6.88 5.64
C LEU B 336 24.32 -7.19 4.46
N LEU B 337 23.14 -6.57 4.40
CA LEU B 337 22.34 -6.69 3.19
C LEU B 337 22.32 -5.39 2.41
N LEU B 338 23.06 -4.38 2.88
CA LEU B 338 23.24 -3.16 2.10
C LEU B 338 24.55 -3.18 1.34
N ILE B 339 25.37 -4.21 1.55
CA ILE B 339 26.61 -4.33 0.77
C ILE B 339 26.38 -4.79 -0.67
N PRO B 340 25.61 -5.85 -0.97
CA PRO B 340 25.50 -6.23 -2.38
C PRO B 340 24.66 -5.29 -3.21
N LEU B 341 23.81 -4.47 -2.59
CA LEU B 341 22.99 -3.56 -3.35
C LEU B 341 23.73 -2.29 -3.70
N PHE B 342 24.45 -1.73 -2.75
CA PHE B 342 25.20 -0.52 -2.99
C PHE B 342 26.53 -0.78 -3.67
N GLY B 343 27.00 -2.02 -3.69
CA GLY B 343 28.31 -2.29 -4.24
C GLY B 343 29.41 -1.69 -3.41
N ILE B 344 29.56 -2.14 -2.17
CA ILE B 344 30.57 -1.58 -1.30
C ILE B 344 31.87 -2.38 -1.41
N HIS B 345 31.79 -3.66 -1.81
CA HIS B 345 32.98 -4.50 -1.88
C HIS B 345 33.96 -4.11 -2.99
N TYR B 346 33.61 -3.18 -3.87
CA TYR B 346 34.62 -2.63 -4.76
C TYR B 346 35.49 -1.59 -4.08
N THR B 347 35.13 -1.13 -2.89
CA THR B 347 35.90 -0.08 -2.24
C THR B 347 37.15 -0.62 -1.55
N VAL B 348 37.27 -1.94 -1.40
CA VAL B 348 38.46 -2.51 -0.79
C VAL B 348 39.65 -2.28 -1.70
N PHE B 349 39.44 -2.40 -3.01
CA PHE B 349 40.50 -2.20 -3.99
C PHE B 349 40.18 -0.95 -4.82
N ALA B 350 40.78 0.16 -4.43
CA ALA B 350 40.97 1.30 -5.32
C ALA B 350 42.40 1.80 -5.13
N PHE B 351 43.33 1.16 -5.87
CA PHE B 351 44.72 1.60 -6.01
C PHE B 351 45.44 1.01 -7.22
N ASN B 355 47.09 -1.83 -10.05
CA ASN B 355 48.25 -2.58 -10.53
C ASN B 355 48.85 -3.53 -9.49
N VAL B 356 49.05 -3.07 -8.27
CA VAL B 356 49.63 -3.92 -7.23
C VAL B 356 48.53 -4.75 -6.60
N SER B 357 48.92 -5.92 -6.09
CA SER B 357 48.03 -6.98 -5.63
C SER B 357 47.01 -7.36 -6.70
N LYS B 358 47.48 -7.56 -7.93
CA LYS B 358 46.56 -7.73 -9.05
C LYS B 358 45.90 -9.09 -9.03
N ARG B 359 46.58 -10.11 -8.51
CA ARG B 359 45.98 -11.43 -8.45
C ARG B 359 44.88 -11.49 -7.40
N GLU B 360 45.11 -10.90 -6.24
CA GLU B 360 44.10 -10.93 -5.18
C GLU B 360 42.93 -10.03 -5.53
N ARG B 361 43.18 -8.89 -6.19
CA ARG B 361 42.10 -8.02 -6.63
C ARG B 361 41.22 -8.72 -7.66
N LEU B 362 41.83 -9.41 -8.62
CA LEU B 362 41.04 -10.02 -9.68
C LEU B 362 40.27 -11.21 -9.16
N VAL B 363 40.82 -11.93 -8.17
CA VAL B 363 40.09 -13.05 -7.59
C VAL B 363 38.89 -12.56 -6.80
N PHE B 364 39.05 -11.49 -6.01
CA PHE B 364 37.94 -11.04 -5.18
C PHE B 364 36.86 -10.34 -5.98
N GLU B 365 37.20 -9.70 -7.09
CA GLU B 365 36.20 -8.94 -7.82
C GLU B 365 35.73 -9.60 -9.11
N LEU B 366 36.28 -10.78 -9.47
CA LEU B 366 35.70 -11.59 -10.53
C LEU B 366 35.33 -12.99 -10.09
N GLY B 367 35.82 -13.42 -8.94
CA GLY B 367 35.42 -14.73 -8.44
C GLY B 367 34.25 -14.64 -7.49
N LEU B 368 34.22 -13.64 -6.64
CA LEU B 368 33.15 -13.50 -5.68
C LEU B 368 32.35 -12.23 -5.89
N GLY B 369 32.67 -11.43 -6.90
CA GLY B 369 31.83 -10.34 -7.33
C GLY B 369 31.02 -10.68 -8.53
N SER B 370 31.32 -11.81 -9.16
CA SER B 370 30.54 -12.27 -10.29
C SER B 370 29.32 -13.07 -9.87
N PHE B 371 29.06 -13.18 -8.57
CA PHE B 371 27.79 -13.67 -8.06
C PHE B 371 26.94 -12.57 -7.47
N GLN B 372 27.28 -11.29 -7.75
CA GLN B 372 26.53 -10.20 -7.15
C GLN B 372 25.13 -10.12 -7.73
N GLY B 373 24.98 -10.52 -8.98
CA GLY B 373 23.65 -10.57 -9.55
C GLY B 373 22.78 -11.64 -8.91
N PHE B 374 23.38 -12.76 -8.55
CA PHE B 374 22.61 -13.82 -7.89
C PHE B 374 22.29 -13.45 -6.45
N VAL B 375 23.21 -12.77 -5.77
CA VAL B 375 22.96 -12.39 -4.38
C VAL B 375 21.90 -11.30 -4.31
N VAL B 376 21.93 -10.36 -5.25
CA VAL B 376 20.91 -9.31 -5.28
C VAL B 376 19.56 -9.91 -5.68
N ALA B 377 19.54 -10.85 -6.61
CA ALA B 377 18.26 -11.43 -7.02
C ALA B 377 17.74 -12.42 -5.99
N VAL B 378 18.56 -12.82 -5.03
CA VAL B 378 18.02 -13.58 -3.90
C VAL B 378 17.53 -12.63 -2.81
N LEU B 379 18.30 -11.59 -2.50
CA LEU B 379 17.97 -10.72 -1.39
C LEU B 379 16.82 -9.77 -1.69
N TYR B 380 16.59 -9.43 -2.94
CA TYR B 380 15.67 -8.34 -3.23
C TYR B 380 14.57 -8.69 -4.21
N CYS B 381 14.44 -9.94 -4.62
CA CYS B 381 13.21 -10.34 -5.29
C CYS B 381 12.61 -11.62 -4.72
N PHE B 382 13.43 -12.60 -4.39
CA PHE B 382 12.93 -13.92 -4.05
C PHE B 382 12.62 -14.11 -2.57
N LEU B 383 12.94 -13.14 -1.73
CA LEU B 383 12.89 -13.38 -0.30
C LEU B 383 12.16 -12.30 0.47
N ASN B 384 12.05 -11.09 -0.06
CA ASN B 384 11.60 -9.94 0.71
C ASN B 384 10.32 -9.37 0.11
N GLY B 385 9.26 -9.37 0.92
CA GLY B 385 8.14 -8.48 0.69
C GLY B 385 7.06 -9.03 -0.20
N GLU B 386 6.54 -8.15 -1.07
CA GLU B 386 5.26 -8.37 -1.75
C GLU B 386 5.32 -9.57 -2.70
N VAL B 387 6.53 -9.94 -3.13
CA VAL B 387 6.69 -11.05 -4.08
C VAL B 387 6.24 -12.35 -3.45
N GLN B 388 6.55 -12.54 -2.15
CA GLN B 388 6.03 -13.70 -1.44
C GLN B 388 4.51 -13.64 -1.36
N ALA B 389 3.95 -12.45 -1.11
CA ALA B 389 2.51 -12.28 -1.20
C ALA B 389 2.02 -12.50 -2.62
N GLU B 390 2.79 -12.03 -3.61
CA GLU B 390 2.42 -12.30 -5.00
C GLU B 390 2.59 -13.78 -5.33
N ILE B 391 3.56 -14.45 -4.67
CA ILE B 391 3.68 -15.90 -4.82
C ILE B 391 2.45 -16.57 -4.23
N LYS B 392 1.98 -16.08 -3.08
CA LYS B 392 0.75 -16.62 -2.51
C LYS B 392 -0.46 -16.25 -3.35
N ARG B 393 -0.36 -15.16 -4.13
CA ARG B 393 -1.44 -14.81 -5.05
C ARG B 393 -1.54 -15.80 -6.21
N LYS B 394 -0.48 -16.54 -6.48
CA LYS B 394 -0.52 -17.65 -7.42
C LYS B 394 -0.44 -19.01 -6.73
N TRP B 395 -0.43 -19.05 -5.41
CA TRP B 395 -0.34 -20.33 -4.71
C TRP B 395 -1.70 -20.79 -4.22
N ARG B 396 -2.35 -19.99 -3.39
CA ARG B 396 -3.65 -20.37 -2.84
C ARG B 396 -4.74 -20.21 -3.87
N GLN C 12 -46.01 6.30 34.78
CA GLN C 12 -44.80 5.59 34.41
C GLN C 12 -45.06 4.10 34.34
N SER C 13 -46.01 3.63 35.15
CA SER C 13 -46.38 2.22 35.15
C SER C 13 -47.19 1.87 33.92
N GLU C 14 -47.99 2.82 33.42
CA GLU C 14 -48.78 2.57 32.21
C GLU C 14 -47.89 2.56 30.98
N LEU C 15 -46.75 3.25 31.05
CA LEU C 15 -45.76 3.14 29.98
C LEU C 15 -45.06 1.78 30.03
N ASP C 16 -44.91 1.21 31.22
CA ASP C 16 -44.40 -0.16 31.32
C ASP C 16 -45.41 -1.16 30.80
N GLN C 17 -46.70 -0.93 31.06
CA GLN C 17 -47.75 -1.77 30.50
C GLN C 17 -47.80 -1.62 28.98
N LEU C 18 -47.54 -0.41 28.49
CA LEU C 18 -47.36 -0.18 27.06
C LEU C 18 -46.19 -0.98 26.50
N ARG C 19 -45.08 -1.03 27.22
CA ARG C 19 -43.91 -1.79 26.77
C ARG C 19 -44.22 -3.29 26.76
N GLN C 20 -44.91 -3.78 27.78
CA GLN C 20 -45.25 -5.20 27.84
C GLN C 20 -46.29 -5.56 26.81
N GLU C 21 -47.21 -4.63 26.51
CA GLU C 21 -48.14 -4.80 25.41
C GLU C 21 -47.41 -4.92 24.08
N ALA C 22 -46.40 -4.08 23.88
CA ALA C 22 -45.56 -4.17 22.70
C ALA C 22 -44.83 -5.51 22.64
N GLU C 23 -44.33 -5.97 23.80
CA GLU C 23 -43.57 -7.22 23.84
C GLU C 23 -44.45 -8.43 23.54
N GLN C 24 -45.66 -8.47 24.11
CA GLN C 24 -46.53 -9.62 23.86
C GLN C 24 -47.05 -9.60 22.44
N LEU C 25 -47.26 -8.41 21.87
CA LEU C 25 -47.75 -8.35 20.50
C LEU C 25 -46.66 -8.79 19.52
N LYS C 26 -45.42 -8.34 19.70
CA LYS C 26 -44.37 -8.77 18.78
C LYS C 26 -43.93 -10.21 19.07
N ASN C 27 -44.22 -10.70 20.28
CA ASN C 27 -44.11 -12.14 20.55
C ASN C 27 -45.05 -12.93 19.65
N GLN C 28 -46.32 -12.50 19.59
CA GLN C 28 -47.28 -13.19 18.74
C GLN C 28 -46.99 -12.98 17.26
N ILE C 29 -46.40 -11.84 16.90
CA ILE C 29 -46.06 -11.60 15.49
C ILE C 29 -44.87 -12.46 15.07
N ARG C 30 -43.82 -12.52 15.89
CA ARG C 30 -42.65 -13.31 15.54
C ARG C 30 -42.94 -14.81 15.64
N ASP C 31 -43.98 -15.18 16.39
CA ASP C 31 -44.46 -16.56 16.32
C ASP C 31 -45.36 -16.76 15.10
N ALA C 32 -46.05 -15.71 14.66
CA ALA C 32 -46.90 -15.83 13.47
C ALA C 32 -46.06 -15.91 12.21
N ARG C 33 -44.93 -15.21 12.18
CA ARG C 33 -44.07 -15.19 10.99
C ARG C 33 -43.40 -16.55 10.79
N LYS C 34 -43.12 -17.27 11.88
CA LYS C 34 -42.65 -18.64 11.77
C LYS C 34 -43.75 -19.57 11.27
N ALA C 35 -45.01 -19.23 11.57
CA ALA C 35 -46.13 -20.12 11.22
C ALA C 35 -46.38 -20.11 9.71
N CYS C 36 -45.98 -19.05 9.02
CA CYS C 36 -46.18 -18.99 7.58
C CYS C 36 -45.03 -19.65 6.83
N ALA C 37 -44.03 -20.14 7.56
CA ALA C 37 -42.85 -20.75 6.96
C ALA C 37 -42.57 -22.10 7.62
N ASP C 38 -43.01 -23.17 6.98
CA ASP C 38 -42.80 -24.52 7.50
C ASP C 38 -41.68 -25.26 6.79
N ALA C 39 -41.46 -24.97 5.50
CA ALA C 39 -40.37 -25.56 4.74
C ALA C 39 -39.25 -24.53 4.63
N THR C 40 -38.08 -25.00 4.20
CA THR C 40 -36.91 -24.14 4.06
C THR C 40 -36.53 -24.00 2.60
N LEU C 41 -35.52 -23.18 2.34
CA LEU C 41 -35.00 -23.02 0.99
C LEU C 41 -34.11 -24.19 0.58
N SER C 42 -33.67 -25.00 1.56
CA SER C 42 -32.81 -26.14 1.25
C SER C 42 -33.60 -27.30 0.64
N GLN C 43 -34.93 -27.28 0.77
CA GLN C 43 -35.78 -28.31 0.19
C GLN C 43 -36.19 -28.00 -1.24
N ILE C 44 -35.66 -26.92 -1.83
CA ILE C 44 -35.97 -26.52 -3.20
C ILE C 44 -34.75 -26.65 -4.12
N THR C 45 -33.54 -26.69 -3.55
CA THR C 45 -32.31 -26.84 -4.34
C THR C 45 -31.97 -28.30 -4.64
N ASN C 46 -32.91 -29.22 -4.44
CA ASN C 46 -32.61 -30.63 -4.68
C ASN C 46 -32.76 -31.04 -6.14
N ASN C 47 -33.63 -30.37 -6.91
CA ASN C 47 -33.85 -30.72 -8.31
C ASN C 47 -33.43 -29.58 -9.23
N ILE C 48 -32.41 -28.82 -8.87
CA ILE C 48 -31.98 -27.66 -9.65
C ILE C 48 -30.55 -27.89 -10.11
N ASP C 49 -30.30 -27.67 -11.40
CA ASP C 49 -28.97 -27.88 -11.97
C ASP C 49 -28.04 -26.76 -11.52
N PRO C 50 -27.01 -27.04 -10.73
CA PRO C 50 -26.14 -25.99 -10.24
C PRO C 50 -25.13 -25.54 -11.29
N VAL C 51 -24.64 -24.32 -11.12
CA VAL C 51 -23.61 -23.82 -12.02
C VAL C 51 -22.29 -24.52 -11.73
N GLY C 52 -21.95 -24.67 -10.46
CA GLY C 52 -20.72 -25.34 -10.11
C GLY C 52 -19.53 -24.40 -10.11
N ARG C 53 -18.80 -24.38 -11.21
CA ARG C 53 -17.67 -23.49 -11.39
C ARG C 53 -17.98 -22.45 -12.47
N ILE C 54 -17.64 -21.19 -12.18
CA ILE C 54 -17.64 -20.13 -13.17
C ILE C 54 -16.63 -19.08 -12.74
N GLN C 55 -15.80 -18.65 -13.69
CA GLN C 55 -14.77 -17.65 -13.41
C GLN C 55 -14.82 -16.59 -14.49
N MET C 56 -14.21 -15.44 -14.20
CA MET C 56 -14.20 -14.32 -15.13
C MET C 56 -12.77 -13.83 -15.33
N ARG C 57 -12.50 -13.39 -16.54
CA ARG C 57 -11.22 -12.79 -16.89
C ARG C 57 -11.37 -11.29 -16.89
N THR C 58 -10.44 -10.62 -16.19
CA THR C 58 -10.39 -9.16 -16.17
C THR C 58 -10.18 -8.59 -17.56
N ARG C 59 -11.03 -7.65 -17.96
CA ARG C 59 -10.92 -7.12 -19.31
C ARG C 59 -10.13 -5.82 -19.35
N ARG C 60 -10.64 -4.79 -18.69
CA ARG C 60 -9.99 -3.47 -18.72
C ARG C 60 -9.86 -2.97 -17.30
N THR C 61 -8.73 -2.32 -17.01
CA THR C 61 -8.48 -1.76 -15.69
C THR C 61 -8.41 -0.25 -15.84
N LEU C 62 -9.45 0.45 -15.42
CA LEU C 62 -9.45 1.90 -15.45
C LEU C 62 -8.53 2.42 -14.36
N ARG C 63 -7.42 3.02 -14.77
CA ARG C 63 -6.43 3.50 -13.82
C ARG C 63 -6.25 5.00 -13.97
N GLY C 64 -5.83 5.64 -12.90
CA GLY C 64 -5.56 7.06 -12.97
C GLY C 64 -5.90 7.81 -11.70
N HIS C 65 -6.61 7.17 -10.79
CA HIS C 65 -6.95 7.80 -9.54
C HIS C 65 -5.75 7.88 -8.61
N LEU C 66 -5.72 8.89 -7.76
CA LEU C 66 -4.55 9.19 -6.96
C LEU C 66 -4.62 8.60 -5.56
N ALA C 67 -5.81 8.41 -5.02
CA ALA C 67 -6.02 7.74 -3.75
C ALA C 67 -7.16 6.77 -3.94
N LYS C 68 -7.69 6.25 -2.84
CA LYS C 68 -8.54 5.08 -2.90
C LYS C 68 -9.88 5.36 -3.59
N ILE C 69 -10.54 4.30 -4.01
CA ILE C 69 -11.83 4.37 -4.67
C ILE C 69 -12.90 4.02 -3.66
N TYR C 70 -13.82 4.94 -3.40
CA TYR C 70 -14.79 4.61 -2.35
C TYR C 70 -16.12 4.13 -2.90
N ALA C 71 -16.64 4.71 -3.97
CA ALA C 71 -17.83 4.11 -4.56
C ALA C 71 -17.84 4.34 -6.05
N MET C 72 -18.66 3.58 -6.74
CA MET C 72 -18.83 3.74 -8.17
C MET C 72 -20.27 3.49 -8.53
N HIS C 73 -20.72 4.08 -9.63
CA HIS C 73 -22.08 3.88 -10.08
C HIS C 73 -22.08 3.65 -11.58
N TRP C 74 -22.91 2.70 -12.01
CA TRP C 74 -22.99 2.33 -13.42
C TRP C 74 -23.94 3.24 -14.16
N GLY C 75 -23.77 3.28 -15.45
CA GLY C 75 -24.58 4.15 -16.26
C GLY C 75 -25.86 3.52 -16.72
N THR C 76 -26.58 4.30 -17.53
CA THR C 76 -27.83 3.82 -18.11
C THR C 76 -27.57 3.01 -19.38
N ASP C 77 -26.56 3.40 -20.16
CA ASP C 77 -26.31 2.67 -21.39
C ASP C 77 -25.32 1.53 -21.18
N SER C 78 -24.85 1.35 -19.94
CA SER C 78 -23.81 0.41 -19.54
C SER C 78 -22.51 0.67 -20.29
N ARG C 79 -22.26 1.95 -20.60
CA ARG C 79 -20.99 2.30 -21.21
C ARG C 79 -20.22 3.25 -20.33
N LEU C 80 -20.90 4.17 -19.69
CA LEU C 80 -20.26 5.15 -18.84
C LEU C 80 -20.40 4.73 -17.38
N LEU C 81 -19.31 4.84 -16.62
CA LEU C 81 -19.39 4.68 -15.19
C LEU C 81 -18.84 5.94 -14.53
N VAL C 82 -19.15 6.11 -13.25
CA VAL C 82 -18.66 7.26 -12.51
C VAL C 82 -17.95 6.76 -11.26
N SER C 83 -16.73 7.26 -11.02
CA SER C 83 -15.86 6.78 -9.97
C SER C 83 -15.54 7.92 -9.02
N ALA C 84 -15.39 7.57 -7.75
CA ALA C 84 -15.38 8.53 -6.66
C ALA C 84 -14.10 8.42 -5.86
N SER C 85 -13.07 9.13 -6.26
CA SER C 85 -11.83 9.08 -5.52
C SER C 85 -11.94 9.81 -4.20
N GLN C 86 -10.93 9.64 -3.37
CA GLN C 86 -10.93 10.30 -2.08
C GLN C 86 -9.83 11.34 -1.95
N ASP C 87 -9.27 11.78 -3.07
CA ASP C 87 -8.44 12.98 -3.04
C ASP C 87 -9.18 14.19 -3.56
N GLY C 88 -10.46 14.05 -3.92
CA GLY C 88 -11.25 15.12 -4.47
C GLY C 88 -11.87 14.82 -5.81
N LYS C 89 -11.20 14.06 -6.67
CA LYS C 89 -11.62 13.93 -8.06
C LYS C 89 -12.84 13.05 -8.19
N LEU C 90 -13.75 13.43 -9.06
CA LEU C 90 -14.91 12.64 -9.40
C LEU C 90 -14.87 12.46 -10.92
N ILE C 91 -14.51 11.28 -11.38
CA ILE C 91 -14.15 11.09 -12.77
C ILE C 91 -15.14 10.13 -13.41
N ILE C 92 -15.74 10.55 -14.52
CA ILE C 92 -16.66 9.72 -15.29
C ILE C 92 -15.92 9.17 -16.50
N TRP C 93 -15.93 7.84 -16.60
CA TRP C 93 -15.16 7.06 -17.56
C TRP C 93 -16.10 6.47 -18.60
N ASP C 94 -15.56 6.25 -19.79
CA ASP C 94 -16.23 5.47 -20.82
C ASP C 94 -15.59 4.08 -20.80
N SER C 95 -16.39 3.07 -20.46
CA SER C 95 -15.81 1.75 -20.19
C SER C 95 -15.59 0.95 -21.47
N TYR C 96 -16.17 1.40 -22.59
CA TYR C 96 -15.93 0.71 -23.85
C TYR C 96 -14.54 1.02 -24.39
N THR C 97 -14.23 2.30 -24.58
CA THR C 97 -12.95 2.71 -25.11
C THR C 97 -11.88 2.88 -24.04
N THR C 98 -12.21 2.61 -22.78
CA THR C 98 -11.29 2.63 -21.62
C THR C 98 -10.66 4.03 -21.50
N ASN C 99 -11.51 5.03 -21.48
CA ASN C 99 -11.04 6.40 -21.58
C ASN C 99 -11.90 7.33 -20.76
N LYS C 100 -11.26 8.35 -20.20
CA LYS C 100 -11.94 9.33 -19.37
C LYS C 100 -12.79 10.26 -20.24
N VAL C 101 -13.97 10.59 -19.73
CA VAL C 101 -14.85 11.56 -20.36
C VAL C 101 -14.79 12.90 -19.65
N HIS C 102 -14.97 12.91 -18.32
CA HIS C 102 -14.81 14.16 -17.59
C HIS C 102 -14.18 13.91 -16.23
N ALA C 103 -13.40 14.88 -15.77
CA ALA C 103 -12.77 14.86 -14.46
C ALA C 103 -13.20 16.12 -13.72
N ILE C 104 -13.99 15.95 -12.66
CA ILE C 104 -14.61 17.05 -11.94
C ILE C 104 -13.90 17.18 -10.59
N PRO C 105 -13.13 18.23 -10.36
CA PRO C 105 -12.65 18.50 -9.00
C PRO C 105 -13.79 18.94 -8.10
N LEU C 106 -13.57 18.80 -6.80
CA LEU C 106 -14.63 18.98 -5.83
C LEU C 106 -14.22 19.94 -4.74
N ARG C 107 -15.20 20.29 -3.89
CA ARG C 107 -14.92 21.09 -2.72
C ARG C 107 -14.52 20.22 -1.54
N SER C 108 -15.44 19.35 -1.13
CA SER C 108 -15.20 18.37 -0.08
C SER C 108 -14.38 17.25 -0.69
N SER C 109 -13.17 17.02 -0.15
CA SER C 109 -12.35 15.94 -0.69
C SER C 109 -12.94 14.58 -0.33
N TRP C 110 -13.45 14.44 0.89
CA TRP C 110 -13.81 13.13 1.42
C TRP C 110 -15.19 12.72 0.91
N VAL C 111 -15.23 12.29 -0.34
CA VAL C 111 -16.50 11.83 -0.88
C VAL C 111 -16.76 10.43 -0.37
N MET C 112 -18.00 9.99 -0.42
CA MET C 112 -18.28 8.65 0.06
C MET C 112 -19.17 7.82 -0.84
N THR C 113 -20.04 8.42 -1.65
CA THR C 113 -20.82 7.68 -2.62
C THR C 113 -21.28 8.64 -3.71
N CYS C 114 -21.18 8.19 -4.97
CA CYS C 114 -21.73 8.94 -6.09
C CYS C 114 -22.78 8.11 -6.81
N ALA C 115 -23.47 8.78 -7.74
CA ALA C 115 -24.57 8.16 -8.48
C ALA C 115 -24.72 8.81 -9.84
N TYR C 116 -25.61 8.25 -10.65
CA TYR C 116 -25.71 8.58 -12.06
C TYR C 116 -27.17 8.77 -12.43
N ALA C 117 -27.43 9.66 -13.37
CA ALA C 117 -28.81 10.02 -13.72
C ALA C 117 -29.47 8.91 -14.54
N PRO C 118 -30.80 8.82 -14.50
CA PRO C 118 -31.49 7.96 -15.48
C PRO C 118 -31.51 8.55 -16.88
N SER C 119 -31.31 9.86 -17.02
CA SER C 119 -31.19 10.50 -18.32
C SER C 119 -29.75 10.79 -18.68
N GLY C 120 -28.79 10.38 -17.84
CA GLY C 120 -27.38 10.59 -18.13
C GLY C 120 -26.92 12.02 -18.02
N ASN C 121 -27.73 12.91 -17.45
CA ASN C 121 -27.45 14.34 -17.47
C ASN C 121 -26.71 14.82 -16.23
N TYR C 122 -26.99 14.24 -15.08
CA TYR C 122 -26.51 14.77 -13.81
C TYR C 122 -25.79 13.69 -13.03
N VAL C 123 -24.84 14.12 -12.19
CA VAL C 123 -24.20 13.23 -11.23
C VAL C 123 -24.33 13.84 -9.85
N ALA C 124 -24.02 13.03 -8.84
CA ALA C 124 -24.20 13.42 -7.46
C ALA C 124 -22.94 13.09 -6.67
N CYS C 125 -22.69 13.81 -5.59
CA CYS C 125 -21.55 13.53 -4.73
C CYS C 125 -21.97 13.66 -3.28
N GLY C 126 -22.03 12.54 -2.58
CA GLY C 126 -22.26 12.54 -1.15
C GLY C 126 -20.92 12.72 -0.46
N GLY C 127 -20.91 13.52 0.60
CA GLY C 127 -19.66 13.92 1.21
C GLY C 127 -19.61 13.57 2.67
N LEU C 128 -18.44 13.85 3.25
CA LEU C 128 -18.32 13.96 4.69
C LEU C 128 -18.57 15.39 5.15
N ASP C 129 -18.46 16.35 4.24
CA ASP C 129 -18.77 17.73 4.63
C ASP C 129 -20.26 18.03 4.56
N ASN C 130 -21.11 17.01 4.68
CA ASN C 130 -22.53 17.08 4.97
C ASN C 130 -23.36 17.69 3.86
N ILE C 131 -22.79 17.97 2.69
CA ILE C 131 -23.53 18.58 1.61
C ILE C 131 -23.49 17.66 0.40
N CYS C 132 -24.65 17.14 0.01
CA CYS C 132 -24.76 16.39 -1.23
C CYS C 132 -24.76 17.37 -2.38
N SER C 133 -23.70 17.39 -3.17
CA SER C 133 -23.65 18.27 -4.32
C SER C 133 -24.22 17.54 -5.52
N ILE C 134 -24.86 18.28 -6.42
CA ILE C 134 -25.35 17.72 -7.68
C ILE C 134 -24.75 18.52 -8.82
N TYR C 135 -24.12 17.81 -9.76
CA TYR C 135 -23.40 18.38 -10.89
C TYR C 135 -24.14 18.12 -12.19
N ASN C 136 -24.13 19.12 -13.07
CA ASN C 136 -24.69 18.99 -14.41
C ASN C 136 -23.57 18.72 -15.39
N LEU C 137 -23.84 17.85 -16.36
CA LEU C 137 -22.81 17.44 -17.30
C LEU C 137 -23.09 17.83 -18.74
N LYS C 138 -24.22 17.39 -19.30
CA LYS C 138 -24.43 17.50 -20.74
C LYS C 138 -24.91 18.87 -21.17
N THR C 139 -25.28 19.75 -20.24
CA THR C 139 -25.65 21.11 -20.60
C THR C 139 -24.49 22.07 -20.48
N ARG C 140 -23.41 21.68 -19.79
CA ARG C 140 -22.17 22.45 -19.74
C ARG C 140 -21.05 21.49 -20.10
N GLU C 141 -20.80 21.31 -21.40
CA GLU C 141 -19.73 20.43 -21.84
C GLU C 141 -18.36 21.03 -21.54
N GLY C 142 -18.28 22.35 -21.46
CA GLY C 142 -17.10 23.02 -20.96
C GLY C 142 -17.41 23.72 -19.66
N ASN C 143 -16.42 23.78 -18.77
CA ASN C 143 -16.51 24.41 -17.44
C ASN C 143 -17.64 23.80 -16.63
N VAL C 144 -17.45 22.53 -16.26
CA VAL C 144 -18.43 21.84 -15.42
C VAL C 144 -18.34 22.38 -14.00
N ARG C 145 -19.39 23.06 -13.56
CA ARG C 145 -19.42 23.68 -12.24
C ARG C 145 -20.55 23.06 -11.41
N VAL C 146 -20.59 23.44 -10.14
CA VAL C 146 -21.57 22.88 -9.22
C VAL C 146 -22.94 23.47 -9.47
N SER C 147 -23.91 22.60 -9.79
CA SER C 147 -25.26 23.07 -10.03
C SER C 147 -26.01 23.34 -8.74
N ARG C 148 -26.24 22.31 -7.92
CA ARG C 148 -27.12 22.48 -6.78
C ARG C 148 -26.54 21.80 -5.55
N GLU C 149 -26.30 22.58 -4.51
CA GLU C 149 -25.96 22.04 -3.20
C GLU C 149 -27.23 21.65 -2.47
N LEU C 150 -27.14 20.62 -1.65
CA LEU C 150 -28.28 20.12 -0.91
C LEU C 150 -27.94 20.06 0.58
N ALA C 151 -27.49 21.20 1.13
CA ALA C 151 -27.24 21.32 2.56
C ALA C 151 -28.50 21.03 3.37
N GLY C 152 -28.30 20.63 4.62
CA GLY C 152 -29.41 20.37 5.52
C GLY C 152 -29.22 19.21 6.47
N HIS C 153 -28.32 18.28 6.21
CA HIS C 153 -28.06 17.16 7.11
C HIS C 153 -27.16 17.66 8.23
N THR C 154 -27.03 16.85 9.29
CA THR C 154 -26.05 17.17 10.32
C THR C 154 -24.88 16.19 10.29
N GLY C 155 -25.15 14.92 10.06
CA GLY C 155 -24.09 13.95 9.97
C GLY C 155 -23.59 13.76 8.55
N TYR C 156 -22.70 12.79 8.40
CA TYR C 156 -22.16 12.48 7.08
C TYR C 156 -23.20 11.79 6.22
N LEU C 157 -23.19 12.09 4.93
CA LEU C 157 -24.09 11.44 3.97
C LEU C 157 -23.42 10.21 3.38
N SER C 158 -24.14 9.10 3.37
CA SER C 158 -23.50 7.81 3.14
C SER C 158 -23.91 7.12 1.86
N CYS C 159 -25.05 7.45 1.28
CA CYS C 159 -25.46 6.83 0.02
C CYS C 159 -26.49 7.71 -0.65
N CYS C 160 -26.28 7.98 -1.93
CA CYS C 160 -27.18 8.83 -2.70
C CYS C 160 -27.46 8.17 -4.03
N ARG C 161 -28.71 8.23 -4.48
CA ARG C 161 -29.13 7.72 -5.77
C ARG C 161 -30.01 8.76 -6.44
N PHE C 162 -30.48 8.47 -7.65
CA PHE C 162 -31.42 9.34 -8.34
C PHE C 162 -32.73 8.58 -8.58
N LEU C 163 -33.79 9.02 -7.89
CA LEU C 163 -35.10 8.41 -8.05
C LEU C 163 -35.68 8.74 -9.42
N ASP C 164 -35.91 10.01 -9.69
CA ASP C 164 -36.08 10.53 -11.03
C ASP C 164 -34.96 11.55 -11.23
N ASP C 165 -35.03 12.31 -12.32
CA ASP C 165 -34.05 13.37 -12.51
C ASP C 165 -34.39 14.60 -11.67
N ASN C 166 -35.53 14.56 -10.96
CA ASN C 166 -35.87 15.65 -10.04
C ASN C 166 -35.81 15.21 -8.58
N GLN C 167 -35.72 13.92 -8.31
CA GLN C 167 -35.84 13.40 -6.96
C GLN C 167 -34.62 12.56 -6.60
N ILE C 168 -34.05 12.81 -5.42
CA ILE C 168 -32.78 12.22 -4.99
C ILE C 168 -32.93 11.71 -3.57
N VAL C 169 -32.58 10.44 -3.35
CA VAL C 169 -32.77 9.77 -2.06
C VAL C 169 -31.42 9.68 -1.37
N THR C 170 -31.18 10.50 -0.36
CA THR C 170 -29.89 10.52 0.31
C THR C 170 -30.03 9.99 1.73
N SER C 171 -29.26 8.96 2.06
CA SER C 171 -29.13 8.55 3.44
C SER C 171 -27.99 9.27 4.11
N SER C 172 -28.04 9.30 5.44
CA SER C 172 -27.08 10.09 6.19
C SER C 172 -26.57 9.33 7.40
N GLY C 173 -25.90 10.09 8.27
CA GLY C 173 -25.35 9.50 9.47
C GLY C 173 -26.16 9.85 10.71
N ASP C 174 -27.01 10.88 10.62
CA ASP C 174 -27.84 11.21 11.75
C ASP C 174 -29.18 10.49 11.72
N THR C 175 -29.22 9.29 11.14
CA THR C 175 -30.32 8.31 11.06
C THR C 175 -31.47 8.77 10.17
N THR C 176 -31.31 9.90 9.47
CA THR C 176 -32.48 10.57 8.91
C THR C 176 -33.00 9.87 7.67
N CYS C 177 -32.15 9.72 6.64
CA CYS C 177 -32.49 9.06 5.37
C CYS C 177 -33.64 9.78 4.67
N ALA C 178 -33.38 11.01 4.23
CA ALA C 178 -34.42 11.86 3.69
C ALA C 178 -34.46 11.82 2.17
N LEU C 179 -35.65 12.09 1.62
CA LEU C 179 -35.88 12.22 0.19
C LEU C 179 -35.95 13.69 -0.19
N TRP C 180 -35.22 14.06 -1.23
CA TRP C 180 -34.92 15.45 -1.51
C TRP C 180 -35.43 15.84 -2.89
N ASP C 181 -35.76 17.12 -3.01
CA ASP C 181 -36.12 17.75 -4.29
C ASP C 181 -35.07 18.80 -4.63
N ILE C 182 -34.63 18.79 -5.91
CA ILE C 182 -33.48 19.59 -6.30
C ILE C 182 -33.84 21.06 -6.46
N GLU C 183 -35.09 21.36 -6.82
CA GLU C 183 -35.43 22.70 -7.29
C GLU C 183 -35.47 23.72 -6.16
N THR C 184 -35.78 23.27 -4.95
CA THR C 184 -35.86 24.17 -3.82
C THR C 184 -34.71 23.99 -2.84
N GLY C 185 -34.07 22.83 -2.81
CA GLY C 185 -33.02 22.60 -1.83
C GLY C 185 -33.56 22.40 -0.43
N GLN C 186 -34.66 21.65 -0.31
CA GLN C 186 -35.33 21.45 0.96
C GLN C 186 -35.64 19.97 1.14
N GLN C 187 -35.69 19.55 2.41
CA GLN C 187 -35.98 18.16 2.74
C GLN C 187 -37.45 17.88 2.49
N THR C 188 -37.73 17.10 1.44
CA THR C 188 -39.11 16.91 1.05
C THR C 188 -39.81 15.90 1.94
N THR C 189 -39.23 14.71 2.09
CA THR C 189 -39.90 13.72 2.92
C THR C 189 -38.87 12.98 3.77
N THR C 190 -39.09 12.99 5.09
CA THR C 190 -38.16 12.41 6.05
C THR C 190 -38.64 11.04 6.44
N PHE C 191 -37.71 10.11 6.63
CA PHE C 191 -38.02 8.72 6.92
C PHE C 191 -37.35 8.29 8.22
N THR C 192 -37.56 9.03 9.29
CA THR C 192 -36.88 8.73 10.54
C THR C 192 -37.46 7.47 11.19
N GLY C 193 -36.75 6.97 12.21
CA GLY C 193 -37.13 5.76 12.91
C GLY C 193 -35.96 4.93 13.36
N HIS C 194 -34.78 5.22 12.83
CA HIS C 194 -33.57 4.47 13.14
C HIS C 194 -32.94 5.04 14.40
N THR C 195 -31.94 4.33 14.94
CA THR C 195 -31.12 4.86 16.02
C THR C 195 -29.63 4.56 15.86
N GLY C 196 -29.18 4.33 14.62
CA GLY C 196 -27.76 4.16 14.38
C GLY C 196 -27.40 4.63 12.98
N ASP C 197 -26.09 4.62 12.72
CA ASP C 197 -25.54 5.04 11.42
C ASP C 197 -26.13 4.23 10.28
N VAL C 198 -26.82 4.91 9.38
CA VAL C 198 -27.43 4.28 8.21
C VAL C 198 -26.42 4.29 7.07
N MET C 199 -26.15 3.12 6.50
CA MET C 199 -25.00 2.97 5.63
C MET C 199 -25.33 2.98 4.14
N SER C 200 -26.33 2.23 3.69
CA SER C 200 -26.53 2.19 2.25
C SER C 200 -27.99 2.04 1.89
N LEU C 201 -28.34 2.52 0.69
CA LEU C 201 -29.68 2.42 0.12
C LEU C 201 -29.62 1.71 -1.22
N SER C 202 -30.77 1.28 -1.69
CA SER C 202 -30.89 0.62 -2.98
C SER C 202 -32.29 0.86 -3.53
N LEU C 203 -32.39 1.56 -4.65
CA LEU C 203 -33.68 1.96 -5.17
C LEU C 203 -34.43 0.78 -5.76
N ALA C 204 -35.73 0.94 -5.92
CA ALA C 204 -36.55 -0.11 -6.48
C ALA C 204 -36.71 0.09 -7.98
N PRO C 205 -37.16 -0.94 -8.72
CA PRO C 205 -37.50 -0.71 -10.13
C PRO C 205 -38.64 0.27 -10.33
N ASP C 206 -39.73 0.15 -9.58
CA ASP C 206 -40.87 1.03 -9.75
C ASP C 206 -40.68 2.40 -9.12
N THR C 207 -39.55 2.62 -8.42
CA THR C 207 -39.24 3.84 -7.66
C THR C 207 -40.33 4.20 -6.66
N ARG C 208 -41.01 3.18 -6.13
CA ARG C 208 -42.06 3.35 -5.14
C ARG C 208 -41.66 2.84 -3.77
N LEU C 209 -40.74 1.89 -3.70
CA LEU C 209 -40.20 1.40 -2.45
C LEU C 209 -38.71 1.71 -2.43
N PHE C 210 -38.09 1.62 -1.25
CA PHE C 210 -36.65 1.51 -1.13
C PHE C 210 -36.27 1.01 0.25
N VAL C 211 -35.17 0.26 0.30
CA VAL C 211 -34.75 -0.50 1.46
C VAL C 211 -33.51 0.15 2.06
N SER C 212 -33.43 0.18 3.38
CA SER C 212 -32.38 0.91 4.08
C SER C 212 -31.75 0.05 5.16
N GLY C 213 -30.44 -0.04 5.13
CA GLY C 213 -29.71 -0.81 6.12
C GLY C 213 -28.81 0.07 6.96
N ALA C 214 -28.79 -0.20 8.26
CA ALA C 214 -28.17 0.71 9.20
C ALA C 214 -27.17 0.01 10.09
N CYS C 215 -26.73 0.72 11.12
CA CYS C 215 -25.89 0.16 12.17
C CYS C 215 -26.72 -0.67 13.16
N ASP C 216 -28.03 -0.58 13.09
CA ASP C 216 -28.93 -1.21 14.05
C ASP C 216 -29.08 -2.70 13.86
N ALA C 217 -28.30 -3.32 12.96
CA ALA C 217 -28.46 -4.71 12.49
C ALA C 217 -29.83 -4.98 11.89
N SER C 218 -30.51 -3.96 11.36
CA SER C 218 -31.87 -4.11 10.87
C SER C 218 -32.02 -3.46 9.51
N ALA C 219 -32.89 -4.01 8.69
CA ALA C 219 -33.26 -3.42 7.42
C ALA C 219 -34.68 -2.88 7.53
N LYS C 220 -34.95 -1.75 6.88
CA LYS C 220 -36.29 -1.18 6.88
C LYS C 220 -36.72 -0.84 5.47
N LEU C 221 -37.88 -1.34 5.07
CA LEU C 221 -38.45 -1.08 3.76
C LEU C 221 -39.48 0.03 3.88
N TRP C 222 -39.30 1.08 3.07
CA TRP C 222 -40.11 2.29 3.12
C TRP C 222 -40.83 2.51 1.79
N ASP C 223 -41.98 3.16 1.87
CA ASP C 223 -42.66 3.69 0.70
C ASP C 223 -41.97 4.98 0.26
N VAL C 224 -42.40 5.51 -0.88
CA VAL C 224 -41.83 6.75 -1.39
C VAL C 224 -42.74 7.94 -1.17
N ARG C 225 -43.98 7.70 -0.74
CA ARG C 225 -45.01 8.75 -0.76
C ARG C 225 -45.49 9.12 0.63
N GLU C 226 -45.94 8.14 1.42
CA GLU C 226 -46.47 8.45 2.73
C GLU C 226 -45.36 8.82 3.70
N GLY C 227 -44.35 7.96 3.81
CA GLY C 227 -43.19 8.31 4.63
C GLY C 227 -43.14 7.63 5.97
N MET C 228 -43.60 6.39 6.07
CA MET C 228 -43.53 5.63 7.30
C MET C 228 -42.94 4.25 7.00
N CYS C 229 -42.35 3.65 8.02
CA CYS C 229 -41.72 2.34 7.87
C CYS C 229 -42.78 1.27 7.67
N ARG C 230 -42.77 0.67 6.49
CA ARG C 230 -43.68 -0.43 6.21
C ARG C 230 -43.17 -1.75 6.78
N GLN C 231 -41.90 -2.07 6.53
CA GLN C 231 -41.36 -3.35 6.99
C GLN C 231 -40.08 -3.13 7.77
N THR C 232 -39.82 -3.97 8.76
CA THR C 232 -38.57 -3.94 9.51
C THR C 232 -38.06 -5.36 9.69
N PHE C 233 -37.06 -5.73 8.91
CA PHE C 233 -36.37 -7.01 9.00
C PHE C 233 -35.22 -6.91 9.99
N THR C 234 -34.86 -8.05 10.57
CA THR C 234 -33.73 -8.12 11.47
C THR C 234 -33.08 -9.49 11.29
N GLY C 235 -32.08 -9.77 12.13
CA GLY C 235 -31.45 -11.07 12.14
C GLY C 235 -29.94 -11.07 12.09
N HIS C 236 -29.29 -9.92 12.08
CA HIS C 236 -27.85 -9.83 11.92
C HIS C 236 -27.20 -9.59 13.28
N GLU C 237 -25.90 -9.83 13.34
CA GLU C 237 -25.15 -9.64 14.57
C GLU C 237 -24.19 -8.47 14.50
N SER C 238 -24.23 -7.68 13.45
CA SER C 238 -23.43 -6.48 13.32
C SER C 238 -24.07 -5.54 12.31
N ASP C 239 -23.25 -4.59 11.84
CA ASP C 239 -23.72 -3.52 10.97
C ASP C 239 -24.26 -4.08 9.66
N ILE C 240 -25.09 -3.28 8.99
CA ILE C 240 -25.49 -3.58 7.62
C ILE C 240 -24.64 -2.68 6.73
N ASN C 241 -23.77 -3.27 5.91
CA ASN C 241 -22.71 -2.46 5.32
C ASN C 241 -22.97 -2.20 3.85
N ALA C 242 -23.84 -2.99 3.21
CA ALA C 242 -24.44 -2.64 1.92
C ALA C 242 -25.64 -3.54 1.66
N ILE C 243 -26.58 -3.02 0.87
CA ILE C 243 -27.71 -3.80 0.37
C ILE C 243 -27.94 -3.45 -1.09
N CYS C 244 -28.43 -4.45 -1.83
CA CYS C 244 -28.99 -4.28 -3.17
C CYS C 244 -29.96 -5.43 -3.37
N PHE C 245 -30.97 -5.22 -4.21
CA PHE C 245 -32.03 -6.21 -4.23
C PHE C 245 -32.59 -6.45 -5.63
N PHE C 246 -33.58 -7.34 -5.67
CA PHE C 246 -33.98 -8.09 -6.86
C PHE C 246 -34.62 -7.16 -7.89
N PRO C 247 -34.53 -7.49 -9.18
CA PRO C 247 -35.10 -6.60 -10.22
C PRO C 247 -36.62 -6.50 -10.22
N ASN C 248 -37.35 -7.32 -9.46
CA ASN C 248 -38.80 -7.16 -9.44
C ASN C 248 -39.28 -6.42 -8.20
N GLY C 249 -38.58 -6.56 -7.08
CA GLY C 249 -39.01 -5.92 -5.86
C GLY C 249 -39.62 -6.83 -4.83
N ASN C 250 -39.12 -8.06 -4.71
CA ASN C 250 -39.68 -9.01 -3.76
C ASN C 250 -38.62 -9.84 -3.04
N ALA C 251 -37.33 -9.56 -3.23
CA ALA C 251 -36.29 -10.27 -2.51
C ALA C 251 -35.10 -9.34 -2.32
N PHE C 252 -34.53 -9.36 -1.12
CA PHE C 252 -33.52 -8.38 -0.74
C PHE C 252 -32.26 -9.08 -0.26
N ALA C 253 -31.14 -8.76 -0.91
CA ALA C 253 -29.85 -9.30 -0.54
C ALA C 253 -29.11 -8.29 0.33
N THR C 254 -28.61 -8.76 1.46
CA THR C 254 -28.06 -7.89 2.50
C THR C 254 -26.69 -8.38 2.89
N GLY C 255 -25.70 -7.48 2.85
CA GLY C 255 -24.35 -7.77 3.26
C GLY C 255 -24.03 -7.11 4.58
N SER C 256 -23.50 -7.90 5.51
CA SER C 256 -23.27 -7.46 6.87
C SER C 256 -21.78 -7.31 7.16
N ASP C 257 -21.47 -7.04 8.42
CA ASP C 257 -20.09 -7.08 8.87
C ASP C 257 -19.76 -8.40 9.55
N ASP C 258 -20.75 -9.26 9.74
CA ASP C 258 -20.50 -10.57 10.33
C ASP C 258 -20.18 -11.63 9.27
N ALA C 259 -19.95 -11.21 8.02
CA ALA C 259 -19.73 -12.05 6.85
C ALA C 259 -20.89 -13.00 6.58
N THR C 260 -22.09 -12.62 6.96
CA THR C 260 -23.29 -13.43 6.73
C THR C 260 -24.13 -12.75 5.66
N CYS C 261 -24.03 -13.24 4.43
CA CYS C 261 -24.94 -12.73 3.40
C CYS C 261 -26.33 -13.27 3.66
N ARG C 262 -27.33 -12.40 3.54
CA ARG C 262 -28.69 -12.82 3.81
C ARG C 262 -29.60 -12.44 2.65
N LEU C 263 -30.61 -13.28 2.42
CA LEU C 263 -31.61 -13.07 1.38
C LEU C 263 -32.96 -13.08 2.08
N PHE C 264 -33.56 -11.90 2.21
CA PHE C 264 -34.85 -11.72 2.85
C PHE C 264 -35.93 -11.68 1.79
N ASP C 265 -37.17 -11.95 2.22
CA ASP C 265 -38.32 -11.91 1.35
C ASP C 265 -39.30 -10.84 1.83
N LEU C 266 -40.04 -10.28 0.88
CA LEU C 266 -41.14 -9.37 1.20
C LEU C 266 -42.48 -10.06 1.26
N ARG C 267 -42.74 -11.04 0.38
CA ARG C 267 -44.01 -11.73 0.41
C ARG C 267 -44.09 -12.70 1.58
N ALA C 268 -43.03 -13.49 1.80
CA ALA C 268 -43.02 -14.43 2.91
C ALA C 268 -42.64 -13.76 4.22
N ASP C 269 -42.09 -12.54 4.14
CA ASP C 269 -41.78 -11.61 5.21
C ASP C 269 -40.69 -12.07 6.18
N GLN C 270 -40.17 -13.28 6.05
CA GLN C 270 -39.18 -13.81 6.96
C GLN C 270 -37.85 -13.94 6.23
N GLU C 271 -36.77 -14.06 6.99
CA GLU C 271 -35.46 -14.29 6.41
C GLU C 271 -35.41 -15.66 5.76
N LEU C 272 -35.25 -15.69 4.44
CA LEU C 272 -35.20 -16.95 3.72
C LEU C 272 -33.85 -17.61 3.87
N MET C 273 -32.81 -16.97 3.35
CA MET C 273 -31.51 -17.62 3.23
C MET C 273 -30.48 -16.88 4.06
N THR C 274 -29.73 -17.64 4.85
CA THR C 274 -28.47 -17.19 5.40
C THR C 274 -27.36 -17.88 4.65
N TYR C 275 -26.21 -17.23 4.60
CA TYR C 275 -24.97 -17.82 4.14
C TYR C 275 -23.82 -17.41 5.04
N SER C 276 -23.16 -18.41 5.60
CA SER C 276 -21.86 -18.25 6.24
C SER C 276 -20.98 -19.43 5.83
N HIS C 277 -19.71 -19.34 6.21
CA HIS C 277 -18.73 -20.37 5.89
C HIS C 277 -17.75 -20.40 7.05
N ASP C 278 -16.78 -21.30 7.01
CA ASP C 278 -15.78 -21.30 8.08
C ASP C 278 -14.49 -20.61 7.68
N ASN C 279 -14.17 -20.56 6.39
CA ASN C 279 -12.94 -19.95 5.89
C ASN C 279 -13.03 -18.43 5.79
N ILE C 280 -14.09 -17.82 6.29
CA ILE C 280 -14.38 -16.41 6.07
C ILE C 280 -14.60 -15.74 7.42
N ILE C 281 -13.73 -14.81 7.77
CA ILE C 281 -13.87 -14.02 8.99
C ILE C 281 -13.81 -12.55 8.63
N CYS C 282 -13.68 -12.26 7.35
CA CYS C 282 -13.62 -10.89 6.87
C CYS C 282 -15.02 -10.37 6.59
N GLY C 283 -15.28 -9.14 7.03
CA GLY C 283 -16.60 -8.56 6.81
C GLY C 283 -16.83 -8.18 5.36
N ILE C 284 -18.10 -7.97 5.03
CA ILE C 284 -18.54 -7.72 3.66
C ILE C 284 -18.67 -6.22 3.45
N THR C 285 -18.16 -5.72 2.34
CA THR C 285 -18.23 -4.30 2.04
C THR C 285 -19.32 -3.97 1.04
N SER C 286 -19.57 -4.79 0.04
CA SER C 286 -20.65 -4.49 -0.89
C SER C 286 -21.24 -5.75 -1.48
N VAL C 287 -22.56 -5.74 -1.66
CA VAL C 287 -23.30 -6.82 -2.31
C VAL C 287 -24.25 -6.19 -3.32
N SER C 288 -24.02 -6.44 -4.59
CA SER C 288 -24.97 -6.08 -5.63
C SER C 288 -24.95 -7.17 -6.68
N PHE C 289 -26.13 -7.61 -7.11
CA PHE C 289 -26.17 -8.87 -7.82
C PHE C 289 -26.93 -8.78 -9.12
N SER C 290 -26.84 -9.88 -9.88
CA SER C 290 -27.03 -9.91 -11.31
C SER C 290 -28.50 -9.76 -11.69
N LYS C 291 -28.75 -9.80 -12.99
CA LYS C 291 -30.13 -9.81 -13.49
C LYS C 291 -30.80 -11.14 -13.21
N SER C 292 -30.03 -12.22 -13.19
CA SER C 292 -30.57 -13.51 -12.83
C SER C 292 -30.83 -13.59 -11.35
N GLY C 293 -31.65 -14.56 -10.95
CA GLY C 293 -31.75 -14.92 -9.55
C GLY C 293 -30.73 -15.95 -9.12
N ARG C 294 -29.62 -16.08 -9.86
CA ARG C 294 -28.62 -17.09 -9.52
C ARG C 294 -27.43 -16.46 -8.80
N LEU C 295 -26.79 -15.47 -9.41
CA LEU C 295 -25.52 -14.97 -8.92
C LEU C 295 -25.75 -13.84 -7.92
N LEU C 296 -25.19 -13.99 -6.72
CA LEU C 296 -24.87 -12.90 -5.82
C LEU C 296 -23.39 -12.60 -5.94
N LEU C 297 -23.02 -11.33 -5.82
CA LEU C 297 -21.62 -10.94 -5.84
C LEU C 297 -21.29 -10.22 -4.55
N ALA C 298 -20.30 -10.70 -3.83
CA ALA C 298 -19.94 -10.11 -2.56
C ALA C 298 -18.49 -9.64 -2.62
N GLY C 299 -18.20 -8.58 -1.89
CA GLY C 299 -16.82 -8.14 -1.75
C GLY C 299 -16.37 -8.19 -0.31
N TYR C 300 -15.16 -8.63 -0.04
CA TYR C 300 -14.79 -8.91 1.32
C TYR C 300 -13.64 -8.02 1.77
N ASP C 301 -13.15 -8.27 2.99
CA ASP C 301 -11.98 -7.60 3.51
C ASP C 301 -10.73 -8.44 3.35
N ASP C 302 -10.83 -9.61 2.73
CA ASP C 302 -9.68 -10.40 2.32
C ASP C 302 -9.28 -10.10 0.88
N PHE C 303 -9.59 -8.89 0.41
CA PHE C 303 -9.03 -8.29 -0.80
C PHE C 303 -9.51 -8.98 -2.07
N ASN C 304 -10.57 -9.79 -1.99
CA ASN C 304 -11.01 -10.54 -3.16
C ASN C 304 -12.53 -10.62 -3.18
N CYS C 305 -13.08 -10.67 -4.38
CA CYS C 305 -14.52 -10.78 -4.57
C CYS C 305 -14.92 -12.25 -4.58
N ASN C 306 -16.11 -12.55 -4.07
CA ASN C 306 -16.62 -13.91 -4.04
C ASN C 306 -17.97 -13.95 -4.73
N VAL C 307 -18.05 -14.68 -5.83
CA VAL C 307 -19.30 -14.85 -6.56
C VAL C 307 -19.99 -16.07 -5.97
N TRP C 308 -21.13 -15.85 -5.33
CA TRP C 308 -21.89 -16.92 -4.72
C TRP C 308 -23.19 -17.16 -5.49
N ASP C 309 -23.69 -18.39 -5.40
CA ASP C 309 -24.93 -18.75 -6.07
C ASP C 309 -26.07 -18.63 -5.07
N ALA C 310 -27.21 -18.10 -5.52
CA ALA C 310 -28.25 -17.67 -4.58
C ALA C 310 -28.98 -18.86 -3.96
N LEU C 311 -29.68 -19.64 -4.77
CA LEU C 311 -30.53 -20.70 -4.21
C LEU C 311 -29.69 -21.89 -3.76
N LYS C 312 -28.56 -22.13 -4.40
CA LYS C 312 -27.64 -23.19 -4.00
C LYS C 312 -26.44 -22.53 -3.36
N ALA C 313 -26.34 -22.63 -2.03
CA ALA C 313 -25.27 -21.97 -1.28
C ALA C 313 -23.95 -22.74 -1.49
N ASP C 314 -23.37 -22.53 -2.67
CA ASP C 314 -22.06 -23.08 -3.03
C ASP C 314 -21.27 -22.04 -3.79
N ARG C 315 -19.96 -22.19 -3.78
CA ARG C 315 -19.07 -21.22 -4.41
C ARG C 315 -19.19 -21.30 -5.93
N ALA C 316 -19.74 -20.25 -6.53
CA ALA C 316 -19.71 -20.16 -7.98
C ALA C 316 -18.31 -19.77 -8.46
N GLY C 317 -17.61 -18.96 -7.69
CA GLY C 317 -16.25 -18.63 -8.08
C GLY C 317 -15.64 -17.56 -7.20
N VAL C 318 -14.35 -17.34 -7.42
CA VAL C 318 -13.58 -16.32 -6.72
C VAL C 318 -13.01 -15.39 -7.77
N LEU C 319 -13.17 -14.09 -7.58
CA LEU C 319 -12.58 -13.08 -8.45
C LEU C 319 -11.51 -12.36 -7.67
N ALA C 320 -10.28 -12.83 -7.74
CA ALA C 320 -9.18 -12.22 -7.04
C ALA C 320 -8.37 -11.38 -8.02
N GLY C 321 -7.50 -10.54 -7.47
CA GLY C 321 -6.68 -9.66 -8.28
C GLY C 321 -6.52 -8.27 -7.75
N HIS C 322 -7.04 -7.97 -6.56
CA HIS C 322 -6.93 -6.64 -6.00
C HIS C 322 -5.79 -6.54 -4.99
N ASP C 323 -5.29 -5.33 -4.81
CA ASP C 323 -4.17 -5.09 -3.91
C ASP C 323 -4.62 -4.84 -2.47
N ASN C 324 -5.85 -4.40 -2.26
CA ASN C 324 -6.34 -4.01 -0.96
C ASN C 324 -7.82 -4.34 -0.90
N ARG C 325 -8.51 -3.75 0.06
CA ARG C 325 -9.90 -4.08 0.30
C ARG C 325 -10.79 -3.58 -0.83
N VAL C 326 -11.68 -4.42 -1.30
CA VAL C 326 -12.68 -3.98 -2.27
C VAL C 326 -13.69 -3.11 -1.55
N SER C 327 -14.01 -1.95 -2.14
CA SER C 327 -14.88 -1.00 -1.49
C SER C 327 -16.25 -0.86 -2.13
N CYS C 328 -16.38 -1.08 -3.43
CA CYS C 328 -17.71 -1.02 -4.00
C CYS C 328 -17.77 -1.91 -5.23
N LEU C 329 -18.99 -2.30 -5.59
CA LEU C 329 -19.22 -3.23 -6.67
C LEU C 329 -20.37 -2.73 -7.51
N GLY C 330 -20.39 -3.10 -8.78
CA GLY C 330 -21.47 -2.71 -9.68
C GLY C 330 -21.71 -3.65 -10.83
N VAL C 331 -22.96 -4.07 -11.01
CA VAL C 331 -23.39 -4.85 -12.16
C VAL C 331 -24.07 -3.90 -13.12
N THR C 332 -23.82 -4.07 -14.42
CA THR C 332 -24.47 -3.24 -15.41
C THR C 332 -25.95 -3.59 -15.53
N ASP C 333 -26.69 -2.71 -16.21
CA ASP C 333 -28.11 -2.94 -16.44
C ASP C 333 -28.33 -4.13 -17.37
N ASP C 334 -27.46 -4.28 -18.36
CA ASP C 334 -27.64 -5.35 -19.35
C ASP C 334 -26.86 -6.59 -18.98
N GLY C 335 -26.15 -6.57 -17.86
CA GLY C 335 -25.40 -7.73 -17.41
C GLY C 335 -24.15 -8.03 -18.19
N MET C 336 -23.67 -7.09 -19.02
CA MET C 336 -22.53 -7.37 -19.87
C MET C 336 -21.20 -7.25 -19.12
N ALA C 337 -21.21 -6.76 -17.89
CA ALA C 337 -19.97 -6.58 -17.15
C ALA C 337 -20.25 -6.48 -15.66
N VAL C 338 -19.19 -6.68 -14.87
CA VAL C 338 -19.21 -6.50 -13.42
C VAL C 338 -17.95 -5.74 -13.04
N ALA C 339 -18.12 -4.58 -12.41
CA ALA C 339 -16.98 -3.75 -12.06
C ALA C 339 -16.78 -3.73 -10.56
N THR C 340 -15.53 -3.80 -10.13
CA THR C 340 -15.16 -3.70 -8.73
C THR C 340 -14.21 -2.55 -8.53
N GLY C 341 -14.38 -1.81 -7.44
CA GLY C 341 -13.49 -0.72 -7.13
C GLY C 341 -12.92 -0.84 -5.73
N SER C 342 -11.61 -1.01 -5.62
CA SER C 342 -10.92 -1.32 -4.39
C SER C 342 -10.13 -0.13 -3.89
N TRP C 343 -9.50 -0.28 -2.73
CA TRP C 343 -8.78 0.84 -2.13
C TRP C 343 -7.39 1.02 -2.69
N ASP C 344 -7.08 0.49 -3.87
CA ASP C 344 -5.79 0.74 -4.46
C ASP C 344 -5.87 1.59 -5.71
N SER C 345 -6.93 2.39 -5.86
CA SER C 345 -7.17 3.32 -6.97
C SER C 345 -7.29 2.64 -8.32
N PHE C 346 -7.57 1.35 -8.39
CA PHE C 346 -7.70 0.67 -9.67
C PHE C 346 -9.07 0.03 -9.76
N LEU C 347 -9.94 0.60 -10.60
CA LEU C 347 -11.16 -0.11 -10.94
C LEU C 347 -10.83 -1.25 -11.89
N LYS C 348 -11.60 -2.31 -11.80
CA LYS C 348 -11.44 -3.44 -12.70
C LYS C 348 -12.80 -3.84 -13.21
N ILE C 349 -12.88 -4.17 -14.50
CA ILE C 349 -14.12 -4.59 -15.13
C ILE C 349 -13.95 -6.05 -15.51
N TRP C 350 -14.98 -6.85 -15.26
CA TRP C 350 -14.89 -8.30 -15.33
C TRP C 350 -16.03 -8.84 -16.16
N ASN C 351 -15.71 -9.39 -17.32
CA ASN C 351 -16.59 -10.28 -18.07
C ASN C 351 -15.77 -11.03 -19.09
N GLN D 8 -18.19 7.39 -36.28
CA GLN D 8 -17.24 8.44 -36.59
C GLN D 8 -15.93 8.26 -35.83
N ARG D 9 -14.81 8.37 -36.54
CA ARG D 9 -13.51 8.26 -35.89
C ARG D 9 -12.99 9.62 -35.47
N ASN D 10 -13.56 10.69 -36.02
CA ASN D 10 -13.08 12.03 -35.70
C ASN D 10 -13.55 12.48 -34.33
N GLU D 11 -14.74 12.03 -33.91
CA GLU D 11 -15.18 12.28 -32.53
C GLU D 11 -14.35 11.47 -31.55
N GLU D 12 -13.85 10.31 -32.00
CA GLU D 12 -12.87 9.58 -31.20
C GLU D 12 -11.57 10.36 -31.10
N LYS D 13 -11.22 11.10 -32.16
CA LYS D 13 -10.01 11.91 -32.10
C LYS D 13 -10.18 13.10 -31.16
N ALA D 14 -11.38 13.70 -31.15
CA ALA D 14 -11.66 14.75 -30.16
C ALA D 14 -11.72 14.18 -28.76
N GLN D 15 -12.19 12.94 -28.63
CA GLN D 15 -12.18 12.25 -27.34
C GLN D 15 -10.76 11.98 -26.88
N ARG D 16 -9.86 11.67 -27.81
CA ARG D 16 -8.47 11.44 -27.44
C ARG D 16 -7.78 12.74 -27.08
N GLU D 17 -8.17 13.85 -27.70
CA GLU D 17 -7.61 15.14 -27.30
C GLU D 17 -8.11 15.56 -25.92
N ALA D 18 -9.40 15.34 -25.65
CA ALA D 18 -9.94 15.63 -24.32
C ALA D 18 -9.35 14.69 -23.28
N ASN D 19 -9.04 13.45 -23.68
CA ASN D 19 -8.38 12.51 -22.79
C ASN D 19 -6.97 12.96 -22.46
N LYS D 20 -6.26 13.52 -23.43
CA LYS D 20 -4.92 14.02 -23.13
C LYS D 20 -4.96 15.27 -22.27
N LYS D 21 -5.99 16.11 -22.46
CA LYS D 21 -6.16 17.27 -21.58
C LYS D 21 -6.50 16.85 -20.15
N ILE D 22 -7.33 15.81 -20.01
CA ILE D 22 -7.70 15.31 -18.69
C ILE D 22 -6.50 14.66 -18.01
N GLU D 23 -5.67 13.97 -18.78
CA GLU D 23 -4.46 13.37 -18.20
C GLU D 23 -3.47 14.44 -17.78
N LYS D 24 -3.45 15.58 -18.49
CA LYS D 24 -2.65 16.71 -18.03
C LYS D 24 -3.20 17.29 -16.72
N GLN D 25 -4.53 17.35 -16.60
CA GLN D 25 -5.17 17.79 -15.36
C GLN D 25 -4.81 16.89 -14.19
N LEU D 26 -4.85 15.57 -14.41
CA LEU D 26 -4.52 14.63 -13.36
C LEU D 26 -3.03 14.68 -13.01
N GLN D 27 -2.18 15.07 -13.95
CA GLN D 27 -0.77 15.16 -13.63
C GLN D 27 -0.46 16.36 -12.74
N LYS D 28 -1.13 17.50 -13.00
CA LYS D 28 -0.98 18.63 -12.08
C LYS D 28 -1.49 18.28 -10.68
N ASP D 29 -2.65 17.63 -10.62
CA ASP D 29 -3.22 17.36 -9.29
C ASP D 29 -2.56 16.17 -8.62
N LYS D 30 -1.84 15.34 -9.37
CA LYS D 30 -1.00 14.34 -8.71
C LYS D 30 0.16 15.00 -8.00
N GLN D 31 0.78 16.00 -8.63
CA GLN D 31 1.85 16.72 -7.93
C GLN D 31 1.32 17.52 -6.75
N VAL D 32 0.12 18.09 -6.89
CA VAL D 32 -0.47 18.85 -5.78
C VAL D 32 -0.85 17.94 -4.64
N TYR D 33 -1.45 16.78 -4.93
CA TYR D 33 -1.91 15.89 -3.87
C TYR D 33 -0.74 15.21 -3.16
N ARG D 34 0.33 14.89 -3.88
CA ARG D 34 1.48 14.29 -3.21
C ARG D 34 2.29 15.31 -2.45
N ALA D 35 2.06 16.60 -2.72
CA ALA D 35 2.79 17.63 -1.97
C ALA D 35 2.31 17.73 -0.53
N THR D 36 1.00 17.73 -0.31
CA THR D 36 0.42 18.04 0.99
C THR D 36 0.24 16.77 1.82
N HIS D 37 0.48 16.88 3.12
CA HIS D 37 0.36 15.76 4.04
C HIS D 37 -0.87 15.94 4.91
N ARG D 38 -1.84 15.05 4.77
CA ARG D 38 -3.05 15.07 5.56
C ARG D 38 -2.70 14.65 6.98
N LEU D 39 -3.36 15.24 7.97
CA LEU D 39 -3.14 14.93 9.38
C LEU D 39 -4.44 15.04 10.15
N LEU D 40 -5.14 13.92 10.32
CA LEU D 40 -6.38 13.93 11.08
C LEU D 40 -6.11 14.27 12.54
N LEU D 41 -6.78 15.29 13.04
CA LEU D 41 -6.63 15.72 14.42
C LEU D 41 -7.95 15.49 15.13
N LEU D 42 -7.96 14.60 16.10
CA LEU D 42 -9.16 14.33 16.87
C LEU D 42 -8.75 14.30 18.32
N GLY D 43 -9.70 14.55 19.21
CA GLY D 43 -9.39 14.60 20.62
C GLY D 43 -10.62 14.95 21.42
N ALA D 44 -10.43 14.98 22.74
CA ALA D 44 -11.50 15.36 23.64
C ALA D 44 -11.83 16.85 23.49
N ASP D 45 -13.08 17.21 23.77
CA ASP D 45 -13.47 18.61 23.70
C ASP D 45 -13.12 19.33 25.00
N ASN D 46 -12.99 20.65 24.89
CA ASN D 46 -12.40 21.51 25.94
C ASN D 46 -11.04 21.00 26.38
N SER D 47 -10.22 20.58 25.41
CA SER D 47 -8.88 20.11 25.69
C SER D 47 -7.84 20.89 24.89
N GLY D 48 -8.12 22.15 24.57
CA GLY D 48 -7.18 22.99 23.85
C GLY D 48 -6.94 22.52 22.43
N LYS D 49 -7.98 22.09 21.73
CA LYS D 49 -7.82 21.43 20.45
C LYS D 49 -7.46 22.43 19.35
N SER D 50 -8.15 23.56 19.30
CA SER D 50 -8.02 24.46 18.15
C SER D 50 -6.71 25.24 18.18
N THR D 51 -6.22 25.57 19.38
CA THR D 51 -5.05 26.42 19.50
C THR D 51 -3.74 25.66 19.40
N ILE D 52 -3.73 24.48 18.79
CA ILE D 52 -2.54 23.63 18.88
C ILE D 52 -1.56 23.93 17.75
N VAL D 53 -1.98 24.73 16.77
CA VAL D 53 -1.06 25.17 15.73
C VAL D 53 -0.28 26.38 16.20
N PHE D 73 -12.96 22.76 10.64
CA PHE D 73 -12.36 21.82 9.70
C PHE D 73 -10.94 22.21 9.31
N GLU D 74 -10.73 22.32 8.01
CA GLU D 74 -9.42 22.21 7.38
C GLU D 74 -8.58 23.44 7.71
N THR D 75 -7.45 23.24 8.37
CA THR D 75 -6.50 24.32 8.57
C THR D 75 -5.17 23.95 7.94
N LYS D 76 -4.64 24.82 7.10
CA LYS D 76 -3.44 24.54 6.32
C LYS D 76 -2.29 25.38 6.83
N PHE D 77 -1.21 24.73 7.24
CA PHE D 77 -0.09 25.49 7.75
C PHE D 77 1.20 24.96 7.12
N GLN D 78 2.12 25.89 6.85
CA GLN D 78 3.33 25.59 6.10
C GLN D 78 4.54 25.63 7.02
N VAL D 79 5.33 24.57 7.00
CA VAL D 79 6.64 24.54 7.64
C VAL D 79 7.65 24.09 6.60
N ASP D 80 8.66 24.93 6.35
CA ASP D 80 9.81 24.64 5.46
C ASP D 80 9.36 24.19 4.07
N LYS D 81 8.42 24.94 3.50
CA LYS D 81 7.86 24.73 2.16
C LYS D 81 7.13 23.39 2.05
N VAL D 82 6.62 22.87 3.18
CA VAL D 82 5.73 21.72 3.18
C VAL D 82 4.43 22.14 3.85
N ASN D 83 3.31 21.85 3.22
CA ASN D 83 2.01 22.32 3.69
C ASN D 83 1.20 21.15 4.25
N PHE D 84 0.90 21.21 5.53
CA PHE D 84 0.10 20.19 6.20
C PHE D 84 -1.35 20.64 6.22
N HIS D 85 -2.25 19.75 5.81
CA HIS D 85 -3.68 20.01 5.81
C HIS D 85 -4.31 19.35 7.02
N MET D 86 -4.22 19.98 8.18
CA MET D 86 -4.74 19.40 9.41
C MET D 86 -6.26 19.40 9.35
N PHE D 87 -6.85 18.20 9.27
CA PHE D 87 -8.28 18.02 9.03
C PHE D 87 -9.01 17.66 10.30
N ASP D 88 -9.33 18.67 11.12
CA ASP D 88 -10.16 18.43 12.28
C ASP D 88 -11.55 17.99 11.82
N VAL D 89 -12.19 17.16 12.62
CA VAL D 89 -13.54 16.71 12.35
C VAL D 89 -14.44 17.20 13.48
N GLY D 90 -15.57 17.77 13.11
CA GLY D 90 -16.53 18.24 14.09
C GLY D 90 -17.91 18.31 13.50
N GLY D 91 -18.91 18.28 14.36
CA GLY D 91 -20.27 18.34 13.91
C GLY D 91 -20.93 16.99 13.70
N GLN D 92 -20.17 15.94 13.49
CA GLN D 92 -20.74 14.61 13.42
C GLN D 92 -21.24 14.19 14.80
N ARG D 93 -22.14 13.22 14.83
CA ARG D 93 -22.60 12.72 16.11
C ARG D 93 -21.52 11.87 16.76
N ASP D 94 -21.74 11.49 18.02
CA ASP D 94 -20.66 10.93 18.85
C ASP D 94 -20.49 9.44 18.54
N GLU D 95 -20.05 9.19 17.31
CA GLU D 95 -19.65 7.85 16.89
C GLU D 95 -18.51 7.91 15.90
N ARG D 96 -17.64 6.94 16.01
CA ARG D 96 -16.56 6.63 15.10
C ARG D 96 -16.93 5.27 14.50
N ARG D 97 -15.93 4.59 13.96
CA ARG D 97 -16.00 3.26 13.33
C ARG D 97 -17.02 3.16 12.20
N LYS D 98 -17.38 4.26 11.59
CA LYS D 98 -17.90 4.18 10.25
C LYS D 98 -17.20 5.21 9.38
N TRP D 99 -16.86 6.35 9.96
CA TRP D 99 -16.14 7.39 9.24
C TRP D 99 -14.70 7.54 9.70
N ILE D 100 -14.27 6.78 10.70
CA ILE D 100 -12.86 6.74 11.05
C ILE D 100 -12.12 5.73 10.20
N GLN D 101 -12.83 4.88 9.45
CA GLN D 101 -12.16 4.04 8.47
C GLN D 101 -11.83 4.81 7.21
N CYS D 102 -12.39 6.01 7.07
CA CYS D 102 -12.10 6.84 5.90
C CYS D 102 -10.79 7.60 6.06
N PHE D 103 -10.13 7.48 7.20
CA PHE D 103 -8.92 8.25 7.43
C PHE D 103 -7.68 7.39 7.51
N ASN D 104 -7.51 6.38 6.66
CA ASN D 104 -6.38 5.47 6.85
C ASN D 104 -5.21 5.79 5.93
N ASP D 105 -5.31 6.86 5.12
CA ASP D 105 -4.19 7.22 4.26
C ASP D 105 -3.46 8.46 4.77
N VAL D 106 -3.81 8.94 5.95
CA VAL D 106 -3.12 10.09 6.54
C VAL D 106 -1.73 9.67 6.97
N THR D 107 -0.88 10.66 7.29
CA THR D 107 0.49 10.30 7.65
C THR D 107 0.71 10.41 9.16
N ALA D 108 -0.26 10.93 9.89
CA ALA D 108 -0.21 10.97 11.35
C ALA D 108 -1.63 11.06 11.85
N ILE D 109 -1.79 10.99 13.16
CA ILE D 109 -3.06 11.28 13.82
C ILE D 109 -2.72 12.06 15.07
N ILE D 110 -2.94 13.36 15.03
CA ILE D 110 -2.62 14.17 16.19
C ILE D 110 -3.66 13.92 17.26
N PHE D 111 -3.23 13.68 18.48
CA PHE D 111 -4.13 13.62 19.61
C PHE D 111 -3.87 14.78 20.54
N VAL D 112 -4.92 15.28 21.15
CA VAL D 112 -4.81 16.29 22.18
C VAL D 112 -5.67 15.87 23.36
N VAL D 113 -5.06 15.78 24.53
CA VAL D 113 -5.80 15.48 25.74
C VAL D 113 -5.45 16.50 26.81
N ASP D 114 -6.27 16.54 27.84
CA ASP D 114 -6.11 17.46 28.96
C ASP D 114 -5.38 16.75 30.07
N SER D 115 -4.20 17.26 30.44
CA SER D 115 -3.43 16.55 31.44
C SER D 115 -3.82 16.98 32.85
N SER D 116 -4.74 17.95 32.97
CA SER D 116 -5.13 18.41 34.30
C SER D 116 -6.40 17.70 34.77
N ASP D 117 -7.45 17.72 33.96
CA ASP D 117 -8.77 17.19 34.33
C ASP D 117 -8.65 15.66 34.40
N TYR D 118 -8.53 15.13 35.62
CA TYR D 118 -8.38 13.69 35.78
C TYR D 118 -9.68 12.91 35.56
N ASN D 119 -10.81 13.59 35.38
CA ASN D 119 -12.07 12.87 35.24
C ASN D 119 -12.27 12.35 33.82
N ARG D 120 -11.42 12.73 32.88
CA ARG D 120 -11.55 12.29 31.51
C ARG D 120 -10.31 11.55 30.99
N LEU D 121 -9.36 11.20 31.86
CA LEU D 121 -8.19 10.45 31.40
C LEU D 121 -8.55 9.02 31.05
N GLN D 122 -9.57 8.45 31.70
CA GLN D 122 -9.88 7.06 31.43
C GLN D 122 -10.63 6.89 30.12
N GLU D 123 -11.44 7.88 29.74
CA GLU D 123 -12.06 7.87 28.41
C GLU D 123 -11.00 8.03 27.33
N ALA D 124 -10.01 8.89 27.57
CA ALA D 124 -8.95 9.09 26.59
C ALA D 124 -8.07 7.86 26.46
N LEU D 125 -7.82 7.16 27.57
CA LEU D 125 -7.01 5.96 27.54
C LEU D 125 -7.73 4.84 26.78
N ASN D 126 -9.04 4.69 27.00
CA ASN D 126 -9.76 3.68 26.25
C ASN D 126 -9.88 4.04 24.77
N LEU D 127 -10.01 5.34 24.47
CA LEU D 127 -10.08 5.76 23.08
C LEU D 127 -8.77 5.50 22.34
N PHE D 128 -7.64 5.80 22.97
CA PHE D 128 -6.39 5.70 22.23
C PHE D 128 -5.90 4.26 22.23
N LYS D 129 -6.43 3.45 23.15
CA LYS D 129 -6.33 2.01 23.00
C LYS D 129 -7.14 1.54 21.79
N SER D 130 -8.24 2.21 21.49
CA SER D 130 -9.03 1.76 20.35
C SER D 130 -8.48 2.27 19.02
N ILE D 131 -7.77 3.41 19.06
CA ILE D 131 -7.13 3.90 17.83
C ILE D 131 -5.90 3.08 17.52
N TRP D 132 -5.21 2.60 18.55
CA TRP D 132 -4.04 1.75 18.35
C TRP D 132 -4.39 0.42 17.72
N ASN D 133 -5.50 -0.19 18.14
CA ASN D 133 -5.77 -1.56 17.74
C ASN D 133 -6.98 -1.70 16.83
N ASN D 134 -7.40 -0.65 16.14
CA ASN D 134 -8.43 -0.82 15.12
C ASN D 134 -7.85 -1.58 13.95
N ARG D 135 -8.71 -2.14 13.10
CA ARG D 135 -8.22 -2.97 12.02
C ARG D 135 -7.55 -2.16 10.93
N TRP D 136 -8.21 -1.09 10.47
CA TRP D 136 -7.72 -0.31 9.34
C TRP D 136 -6.87 0.89 9.74
N LEU D 137 -6.65 1.12 11.02
CA LEU D 137 -5.70 2.12 11.47
C LEU D 137 -4.50 1.51 12.16
N ARG D 138 -4.08 0.32 11.74
CA ARG D 138 -2.91 -0.29 12.37
C ARG D 138 -1.65 0.48 11.99
N THR D 139 -1.50 0.79 10.71
CA THR D 139 -0.23 1.34 10.24
C THR D 139 -0.10 2.83 10.51
N ILE D 140 -1.17 3.48 10.98
CA ILE D 140 -1.14 4.93 11.15
C ILE D 140 -0.71 5.27 12.57
N SER D 141 0.31 6.10 12.68
CA SER D 141 1.06 6.24 13.92
C SER D 141 0.75 7.57 14.60
N VAL D 142 0.15 7.52 15.78
CA VAL D 142 -0.38 8.73 16.39
C VAL D 142 0.75 9.54 17.00
N ILE D 143 0.56 10.84 17.04
CA ILE D 143 1.39 11.76 17.82
C ILE D 143 0.55 12.09 19.04
N LEU D 144 1.17 12.58 20.10
CA LEU D 144 0.45 12.85 21.33
C LEU D 144 0.81 14.24 21.82
N PHE D 145 -0.20 15.08 21.99
CA PHE D 145 -0.01 16.40 22.59
C PHE D 145 -0.77 16.44 23.90
N LEU D 146 -0.08 16.26 25.01
CA LEU D 146 -0.69 16.51 26.30
C LEU D 146 -0.81 18.01 26.46
N ASN D 147 -2.04 18.51 26.50
CA ASN D 147 -2.31 19.94 26.50
C ASN D 147 -2.80 20.37 27.88
N LYS D 148 -2.81 21.69 28.10
CA LYS D 148 -3.06 22.32 29.40
C LYS D 148 -2.11 21.79 30.47
N GLN D 149 -0.83 22.11 30.32
CA GLN D 149 0.18 21.47 31.16
C GLN D 149 0.35 22.17 32.51
N ASP D 150 0.42 23.51 32.52
CA ASP D 150 0.64 24.20 33.78
C ASP D 150 -0.60 24.16 34.67
N LEU D 151 -1.76 23.86 34.09
CA LEU D 151 -2.94 23.60 34.91
C LEU D 151 -2.76 22.31 35.71
N LEU D 152 -2.07 21.32 35.15
CA LEU D 152 -1.72 20.15 35.94
C LEU D 152 -0.73 20.50 37.02
N ALA D 153 0.23 21.38 36.71
CA ALA D 153 1.19 21.82 37.71
C ALA D 153 0.51 22.56 38.86
N GLU D 154 -0.47 23.42 38.54
CA GLU D 154 -1.22 24.13 39.57
C GLU D 154 -2.07 23.17 40.40
N LYS D 155 -2.68 22.17 39.74
CA LYS D 155 -3.56 21.26 40.44
C LYS D 155 -2.78 20.32 41.35
N VAL D 156 -1.50 20.06 41.04
CA VAL D 156 -0.73 19.17 41.90
C VAL D 156 0.10 19.97 42.90
N LEU D 157 0.23 21.30 42.69
CA LEU D 157 0.79 22.14 43.74
C LEU D 157 -0.24 22.45 44.82
N ALA D 158 -1.50 22.68 44.42
CA ALA D 158 -2.55 22.94 45.39
C ALA D 158 -2.88 21.69 46.20
N GLY D 159 -2.80 20.51 45.58
CA GLY D 159 -2.97 19.26 46.28
C GLY D 159 -4.37 18.97 46.76
N LYS D 160 -5.40 19.46 46.05
CA LYS D 160 -6.77 19.25 46.50
C LYS D 160 -7.24 17.82 46.24
N SER D 161 -7.03 17.33 45.02
CA SER D 161 -7.41 15.98 44.64
C SER D 161 -6.17 15.19 44.26
N LYS D 162 -6.09 13.96 44.76
CA LYS D 162 -4.94 13.12 44.48
C LYS D 162 -5.24 12.23 43.29
N ILE D 163 -4.16 11.70 42.70
CA ILE D 163 -4.29 10.76 41.60
C ILE D 163 -4.78 9.41 42.14
N GLU D 164 -4.52 9.14 43.43
CA GLU D 164 -4.94 7.88 44.03
C GLU D 164 -6.45 7.81 44.25
N ASP D 165 -7.16 8.93 44.14
CA ASP D 165 -8.61 8.89 44.18
C ASP D 165 -9.18 8.26 42.91
N TYR D 166 -8.51 8.47 41.78
CA TYR D 166 -8.93 7.90 40.51
C TYR D 166 -8.06 6.72 40.09
N PHE D 167 -6.74 6.93 40.04
CA PHE D 167 -5.83 5.88 39.61
C PHE D 167 -5.22 5.22 40.83
N PRO D 168 -5.56 3.97 41.14
CA PRO D 168 -4.99 3.30 42.32
C PRO D 168 -3.58 2.81 42.12
N GLU D 169 -2.93 3.14 41.01
CA GLU D 169 -1.62 2.64 40.64
C GLU D 169 -0.53 3.69 40.78
N PHE D 170 -0.84 4.85 41.35
CA PHE D 170 0.17 5.91 41.43
C PHE D 170 1.17 5.66 42.56
N ALA D 171 0.85 4.73 43.47
CA ALA D 171 1.73 4.49 44.60
C ALA D 171 3.02 3.79 44.17
N ARG D 172 2.91 2.81 43.28
CA ARG D 172 4.05 1.97 42.90
C ARG D 172 4.71 2.52 41.65
N TYR D 173 5.13 3.78 41.73
CA TYR D 173 5.75 4.45 40.60
C TYR D 173 6.62 5.59 41.10
N THR D 174 7.76 5.77 40.44
CA THR D 174 8.69 6.85 40.73
C THR D 174 9.06 7.55 39.44
N THR D 175 9.90 8.58 39.56
CA THR D 175 10.31 9.33 38.38
C THR D 175 11.20 8.47 37.48
N PRO D 176 11.09 8.62 36.17
CA PRO D 176 12.07 8.00 35.28
C PRO D 176 13.33 8.84 35.21
N GLU D 177 14.41 8.18 34.76
CA GLU D 177 15.72 8.82 34.79
C GLU D 177 15.90 9.76 33.61
N ASP D 178 15.17 9.52 32.52
CA ASP D 178 15.29 10.39 31.36
C ASP D 178 14.36 11.59 31.47
N ALA D 179 13.62 11.68 32.58
CA ALA D 179 12.77 12.83 32.81
C ALA D 179 13.60 14.08 33.04
N THR D 180 13.25 15.15 32.34
CA THR D 180 13.97 16.41 32.45
C THR D 180 13.15 17.36 33.31
N PRO D 181 13.51 17.56 34.58
CA PRO D 181 12.65 18.35 35.46
C PRO D 181 12.79 19.83 35.17
N GLU D 182 11.69 20.56 35.34
CA GLU D 182 11.72 21.99 35.14
C GLU D 182 12.20 22.69 36.42
N PRO D 183 13.15 23.61 36.31
CA PRO D 183 13.69 24.28 37.50
C PRO D 183 12.66 25.19 38.15
N GLY D 184 12.43 24.95 39.43
CA GLY D 184 11.35 25.61 40.14
C GLY D 184 10.07 24.82 40.19
N GLU D 185 10.07 23.56 39.74
CA GLU D 185 8.90 22.70 39.78
C GLU D 185 9.16 21.52 40.69
N ASP D 186 8.11 21.10 41.39
CA ASP D 186 8.22 20.09 42.44
C ASP D 186 8.56 18.72 41.84
N PRO D 187 9.12 17.81 42.64
CA PRO D 187 9.22 16.42 42.19
C PRO D 187 7.88 15.72 42.09
N ARG D 188 6.85 16.20 42.80
CA ARG D 188 5.52 15.64 42.62
C ARG D 188 4.94 16.03 41.27
N VAL D 189 5.33 17.20 40.75
CA VAL D 189 4.95 17.61 39.40
C VAL D 189 5.50 16.63 38.37
N THR D 190 6.81 16.35 38.46
CA THR D 190 7.46 15.46 37.51
C THR D 190 6.95 14.03 37.65
N ARG D 191 6.67 13.59 38.88
CA ARG D 191 6.15 12.24 39.08
C ARG D 191 4.74 12.08 38.52
N ALA D 192 3.88 13.08 38.69
CA ALA D 192 2.50 12.98 38.19
C ALA D 192 2.45 13.06 36.67
N LYS D 193 3.18 14.02 36.10
CA LYS D 193 3.17 14.23 34.66
C LYS D 193 3.79 13.05 33.92
N TYR D 194 4.92 12.54 34.41
CA TYR D 194 5.53 11.41 33.75
C TYR D 194 4.79 10.11 34.03
N PHE D 195 3.95 10.07 35.07
CA PHE D 195 3.05 8.91 35.20
C PHE D 195 2.00 8.91 34.10
N ILE D 196 1.44 10.07 33.77
CA ILE D 196 0.42 10.11 32.73
C ILE D 196 1.03 9.78 31.37
N ARG D 197 2.22 10.29 31.09
CA ARG D 197 2.93 9.96 29.86
C ARG D 197 3.25 8.47 29.79
N ASP D 198 3.68 7.88 30.91
CA ASP D 198 4.02 6.47 30.89
C ASP D 198 2.78 5.60 30.80
N GLU D 199 1.62 6.12 31.23
CA GLU D 199 0.39 5.36 31.09
C GLU D 199 -0.02 5.26 29.62
N PHE D 200 0.06 6.36 28.89
CA PHE D 200 -0.25 6.32 27.46
C PHE D 200 0.74 5.43 26.71
N LEU D 201 2.03 5.54 27.03
CA LEU D 201 3.03 4.71 26.36
C LEU D 201 2.89 3.24 26.76
N ARG D 202 2.36 2.96 27.95
CA ARG D 202 2.12 1.57 28.32
C ARG D 202 0.94 1.00 27.55
N ILE D 203 0.02 1.86 27.11
CA ILE D 203 -1.00 1.40 26.18
C ILE D 203 -0.38 1.15 24.80
N SER D 204 0.67 1.90 24.48
CA SER D 204 1.24 1.82 23.13
C SER D 204 2.00 0.52 22.88
N THR D 205 2.87 0.13 23.81
CA THR D 205 3.87 -0.89 23.49
C THR D 205 3.32 -2.31 23.63
N ALA D 206 2.03 -2.45 23.90
CA ALA D 206 1.46 -3.78 24.04
C ALA D 206 1.28 -4.45 22.68
N SER D 207 0.76 -3.74 21.70
CA SER D 207 0.51 -4.30 20.38
C SER D 207 1.18 -3.54 19.26
N GLY D 208 2.02 -2.56 19.57
CA GLY D 208 2.80 -1.91 18.53
C GLY D 208 3.92 -2.81 18.09
N ASP D 209 4.03 -3.02 16.78
CA ASP D 209 4.91 -4.03 16.25
C ASP D 209 6.13 -3.45 15.55
N GLY D 210 6.53 -2.24 15.89
CA GLY D 210 7.58 -1.56 15.16
C GLY D 210 7.12 -0.89 13.89
N ARG D 211 5.82 -0.98 13.57
CA ARG D 211 5.29 -0.31 12.38
C ARG D 211 4.87 1.12 12.70
N HIS D 212 4.29 1.34 13.87
CA HIS D 212 3.68 2.61 14.22
C HIS D 212 3.97 2.95 15.66
N TYR D 213 4.45 4.16 15.90
CA TYR D 213 4.88 4.55 17.23
C TYR D 213 4.02 5.70 17.74
N CYS D 214 4.15 6.02 19.02
CA CYS D 214 3.39 7.09 19.65
C CYS D 214 4.37 8.06 20.29
N TYR D 215 4.63 9.18 19.62
CA TYR D 215 5.61 10.14 20.12
C TYR D 215 4.93 11.09 21.08
N PRO D 216 5.27 11.07 22.37
CA PRO D 216 4.59 11.97 23.31
C PRO D 216 5.22 13.35 23.31
N HIS D 217 4.46 14.33 23.79
CA HIS D 217 4.93 15.70 23.88
C HIS D 217 4.08 16.46 24.88
N PHE D 218 4.73 17.15 25.82
CA PHE D 218 4.03 18.00 26.76
C PHE D 218 4.04 19.43 26.22
N THR D 219 2.87 20.07 26.23
CA THR D 219 2.77 21.45 25.83
C THR D 219 1.66 22.13 26.61
N CYS D 220 1.69 23.46 26.60
CA CYS D 220 0.66 24.28 27.20
C CYS D 220 -0.17 24.89 26.09
N ALA D 221 -1.07 25.80 26.47
CA ALA D 221 -1.85 26.50 25.46
C ALA D 221 -1.19 27.81 25.05
N VAL D 222 0.00 28.09 25.58
CA VAL D 222 0.59 29.42 25.40
C VAL D 222 1.53 29.45 24.20
N ASP D 223 2.30 28.40 23.99
CA ASP D 223 3.41 28.48 23.03
C ASP D 223 2.96 28.21 21.61
N THR D 224 3.66 28.82 20.66
CA THR D 224 3.38 28.69 19.24
C THR D 224 4.45 27.90 18.50
N GLU D 225 5.26 27.15 19.23
CA GLU D 225 6.36 26.37 18.69
C GLU D 225 5.91 24.97 18.25
N ASN D 226 4.61 24.68 18.33
CA ASN D 226 4.18 23.28 18.19
C ASN D 226 4.22 22.80 16.76
N ALA D 227 4.03 23.69 15.78
CA ALA D 227 4.02 23.25 14.39
C ALA D 227 5.40 22.79 13.92
N ARG D 228 6.45 23.33 14.53
CA ARG D 228 7.79 22.81 14.29
C ARG D 228 7.92 21.38 14.78
N ARG D 229 7.29 21.06 15.91
CA ARG D 229 7.41 19.71 16.44
C ARG D 229 6.58 18.72 15.62
N ILE D 230 5.46 19.17 15.07
CA ILE D 230 4.70 18.29 14.20
C ILE D 230 5.45 18.06 12.89
N PHE D 231 6.21 19.06 12.44
CA PHE D 231 7.00 18.87 11.23
C PHE D 231 8.13 17.88 11.44
N ASN D 232 8.80 17.95 12.59
CA ASN D 232 9.89 17.01 12.87
C ASN D 232 9.37 15.59 13.03
N ASP D 233 8.19 15.41 13.63
CA ASP D 233 7.76 14.05 13.85
C ASP D 233 7.04 13.46 12.65
N CYS D 234 6.47 14.30 11.79
CA CYS D 234 5.98 13.74 10.53
C CYS D 234 7.15 13.38 9.62
N ARG D 235 8.28 14.07 9.77
CA ARG D 235 9.51 13.65 9.09
C ARG D 235 9.98 12.30 9.60
N ASP D 236 9.89 12.06 10.90
CA ASP D 236 10.33 10.78 11.44
C ASP D 236 9.42 9.65 11.01
N ILE D 237 8.12 9.91 10.84
CA ILE D 237 7.21 8.84 10.42
C ILE D 237 7.46 8.47 8.97
N ILE D 238 7.75 9.45 8.11
CA ILE D 238 7.98 9.10 6.71
C ILE D 238 9.36 8.45 6.51
N GLN D 239 10.36 8.80 7.33
CA GLN D 239 11.64 8.12 7.22
C GLN D 239 11.54 6.67 7.67
N ARG D 240 10.78 6.40 8.73
CA ARG D 240 10.63 5.02 9.15
C ARG D 240 9.76 4.22 8.19
N MET D 241 8.84 4.88 7.49
CA MET D 241 8.04 4.18 6.50
C MET D 241 8.86 3.80 5.29
N HIS D 242 9.82 4.63 4.91
CA HIS D 242 10.66 4.28 3.77
C HIS D 242 11.68 3.21 4.15
N LEU D 243 12.14 3.19 5.40
CA LEU D 243 13.12 2.19 5.77
C LEU D 243 12.48 0.82 5.99
N ARG D 244 11.18 0.76 6.25
CA ARG D 244 10.56 -0.55 6.38
C ARG D 244 10.29 -1.20 5.02
N GLN D 245 10.39 -0.43 3.95
CA GLN D 245 10.18 -1.02 2.64
C GLN D 245 11.42 -1.74 2.14
N TYR D 246 12.59 -1.27 2.54
CA TYR D 246 13.86 -1.91 2.21
C TYR D 246 14.29 -2.92 3.26
N GLU D 247 13.42 -3.27 4.20
CA GLU D 247 13.63 -4.20 5.32
C GLU D 247 14.83 -3.90 6.19
N LEU D 248 15.39 -2.69 6.15
CA LEU D 248 16.63 -2.41 6.89
C LEU D 248 16.34 -2.23 8.37
N LEU D 249 15.11 -1.92 8.73
CA LEU D 249 14.74 -1.48 10.06
C LEU D 249 13.25 -1.59 10.26
N GLN E 3 -32.96 -9.42 15.94
CA GLN E 3 -32.96 -10.67 16.69
C GLN E 3 -32.02 -10.61 17.89
N VAL E 4 -31.06 -9.68 17.86
CA VAL E 4 -30.13 -9.54 18.98
C VAL E 4 -30.85 -8.90 20.15
N GLN E 5 -30.90 -9.62 21.28
CA GLN E 5 -31.58 -9.15 22.47
C GLN E 5 -30.66 -9.30 23.66
N LEU E 6 -30.73 -8.33 24.57
CA LEU E 6 -29.94 -8.33 25.79
C LEU E 6 -30.82 -7.96 26.98
N GLN E 7 -30.84 -8.82 27.99
CA GLN E 7 -31.56 -8.55 29.23
C GLN E 7 -30.60 -8.64 30.39
N GLU E 8 -30.98 -8.00 31.50
CA GLU E 8 -30.09 -7.79 32.63
C GLU E 8 -30.80 -8.18 33.92
N SER E 9 -30.02 -8.43 34.97
CA SER E 9 -30.59 -8.92 36.22
C SER E 9 -29.71 -8.55 37.40
N GLY E 10 -30.36 -8.10 38.48
CA GLY E 10 -29.76 -7.70 39.72
C GLY E 10 -30.37 -6.40 40.20
N GLY E 11 -29.56 -5.61 40.89
CA GLY E 11 -29.96 -4.27 41.26
C GLY E 11 -30.50 -4.16 42.67
N GLY E 12 -31.17 -3.03 42.92
CA GLY E 12 -31.78 -2.77 44.21
C GLY E 12 -30.98 -1.83 45.07
N LEU E 13 -31.41 -1.72 46.32
CA LEU E 13 -30.74 -0.91 47.32
C LEU E 13 -29.87 -1.81 48.19
N VAL E 14 -28.59 -1.46 48.31
CA VAL E 14 -27.64 -2.25 49.09
C VAL E 14 -26.84 -1.30 49.97
N GLN E 15 -26.78 -1.63 51.27
CA GLN E 15 -26.00 -0.87 52.23
C GLN E 15 -24.52 -0.82 51.84
N PRO E 16 -23.86 0.33 52.04
CA PRO E 16 -22.42 0.43 51.77
C PRO E 16 -21.60 -0.57 52.58
N GLY E 17 -20.74 -1.30 51.89
CA GLY E 17 -20.12 -2.48 52.44
C GLY E 17 -20.75 -3.78 51.99
N GLY E 18 -21.84 -3.73 51.21
CA GLY E 18 -22.50 -4.94 50.78
C GLY E 18 -21.80 -5.62 49.62
N SER E 19 -22.41 -6.71 49.17
CA SER E 19 -21.96 -7.45 47.99
C SER E 19 -23.13 -7.67 47.04
N LEU E 20 -22.86 -7.62 45.75
CA LEU E 20 -23.93 -7.81 44.76
C LEU E 20 -23.39 -8.53 43.54
N ARG E 21 -24.30 -9.18 42.82
CA ARG E 21 -24.00 -10.03 41.68
C ARG E 21 -24.86 -9.59 40.52
N LEU E 22 -24.24 -8.93 39.53
CA LEU E 22 -24.94 -8.48 38.34
C LEU E 22 -24.74 -9.50 37.23
N SER E 23 -25.85 -9.96 36.65
CA SER E 23 -25.82 -11.02 35.65
C SER E 23 -26.51 -10.55 34.39
N CYS E 24 -25.81 -10.63 33.26
CA CYS E 24 -26.30 -10.14 31.99
C CYS E 24 -26.49 -11.32 31.04
N ALA E 25 -27.71 -11.50 30.55
CA ALA E 25 -28.06 -12.61 29.68
C ALA E 25 -28.40 -12.09 28.29
N ALA E 26 -27.76 -12.65 27.28
CA ALA E 26 -27.92 -12.17 25.92
C ALA E 26 -28.21 -13.32 24.98
N SER E 27 -29.04 -13.06 23.97
CA SER E 27 -29.40 -14.10 23.02
C SER E 27 -29.58 -13.48 21.65
N GLY E 28 -29.43 -14.31 20.63
CA GLY E 28 -29.55 -13.87 19.25
C GLY E 28 -28.28 -13.93 18.44
N PHE E 29 -27.14 -14.25 19.04
CA PHE E 29 -25.90 -14.28 18.29
C PHE E 29 -25.02 -15.42 18.77
N THR E 30 -23.76 -15.38 18.34
CA THR E 30 -22.71 -16.24 18.88
C THR E 30 -21.95 -15.46 19.93
N PHE E 31 -21.96 -15.94 21.17
CA PHE E 31 -21.48 -15.12 22.25
C PHE E 31 -19.97 -15.21 22.42
N SER E 32 -19.37 -16.32 22.02
CA SER E 32 -18.03 -16.64 22.48
C SER E 32 -16.92 -15.91 21.73
N ASN E 33 -17.22 -15.20 20.65
CA ASN E 33 -16.11 -14.78 19.80
C ASN E 33 -15.87 -13.27 19.75
N TYR E 34 -16.36 -12.48 20.71
CA TYR E 34 -15.91 -11.10 20.81
C TYR E 34 -15.99 -10.56 22.23
N LYS E 35 -15.61 -9.29 22.37
CA LYS E 35 -15.37 -8.67 23.66
C LYS E 35 -16.66 -8.49 24.44
N MET E 36 -16.51 -8.04 25.68
CA MET E 36 -17.64 -7.55 26.47
C MET E 36 -17.15 -6.44 27.40
N ASN E 37 -18.02 -5.45 27.61
CA ASN E 37 -17.74 -4.35 28.51
C ASN E 37 -18.90 -4.18 29.47
N TRP E 38 -18.60 -3.64 30.65
CA TRP E 38 -19.59 -3.25 31.62
C TRP E 38 -19.49 -1.75 31.80
N VAL E 39 -20.59 -1.04 31.57
CA VAL E 39 -20.61 0.41 31.52
C VAL E 39 -21.73 0.93 32.42
N ARG E 40 -21.39 1.86 33.31
CA ARG E 40 -22.34 2.38 34.27
C ARG E 40 -22.70 3.83 33.93
N GLN E 41 -23.85 4.26 34.42
CA GLN E 41 -24.38 5.58 34.17
C GLN E 41 -24.62 6.27 35.51
N ALA E 42 -23.87 7.34 35.78
CA ALA E 42 -24.13 8.08 37.01
C ALA E 42 -25.06 9.25 36.74
N PRO E 43 -25.96 9.58 37.66
CA PRO E 43 -26.92 10.67 37.41
C PRO E 43 -26.23 12.01 37.47
N GLY E 44 -26.51 12.86 36.49
CA GLY E 44 -25.87 14.15 36.36
C GLY E 44 -24.64 14.15 35.49
N LYS E 45 -24.10 12.99 35.15
CA LYS E 45 -22.90 12.87 34.35
C LYS E 45 -23.24 12.10 33.08
N GLY E 46 -22.23 11.87 32.24
CA GLY E 46 -22.47 11.20 30.98
C GLY E 46 -22.49 9.69 31.14
N LEU E 47 -21.73 9.00 30.31
CA LEU E 47 -21.50 7.57 30.46
C LEU E 47 -20.03 7.34 30.77
N GLU E 48 -19.75 6.43 31.69
CA GLU E 48 -18.39 6.11 32.10
C GLU E 48 -18.21 4.60 32.05
N TRP E 49 -17.05 4.17 31.56
CA TRP E 49 -16.78 2.77 31.34
C TRP E 49 -16.14 2.16 32.58
N VAL E 50 -16.58 0.95 32.94
CA VAL E 50 -16.16 0.31 34.19
C VAL E 50 -15.14 -0.80 33.94
N SER E 51 -15.54 -1.85 33.22
CA SER E 51 -14.63 -3.00 33.15
C SER E 51 -14.72 -3.70 31.80
N ASP E 52 -13.65 -4.41 31.44
CA ASP E 52 -13.56 -5.08 30.15
C ASP E 52 -13.07 -6.50 30.29
N ILE E 53 -13.62 -7.40 29.46
CA ILE E 53 -13.16 -8.79 29.38
C ILE E 53 -13.12 -9.20 27.92
N SER E 54 -12.13 -10.03 27.58
CA SER E 54 -11.95 -10.48 26.21
C SER E 54 -12.89 -11.63 25.88
N GLN E 55 -12.57 -12.31 24.78
CA GLN E 55 -13.46 -13.34 24.24
C GLN E 55 -13.42 -14.62 25.06
N SER E 56 -12.30 -14.91 25.71
CA SER E 56 -12.15 -16.13 26.48
C SER E 56 -12.06 -15.88 27.98
N GLY E 57 -11.80 -14.66 28.40
CA GLY E 57 -11.40 -14.38 29.76
C GLY E 57 -9.91 -14.25 29.94
N ALA E 58 -9.17 -14.09 28.84
CA ALA E 58 -7.71 -14.00 28.92
C ALA E 58 -7.26 -12.65 29.46
N SER E 59 -7.73 -11.56 28.87
CA SER E 59 -7.35 -10.21 29.28
C SER E 59 -8.56 -9.53 29.90
N ILE E 60 -8.44 -9.20 31.18
CA ILE E 60 -9.47 -8.49 31.93
C ILE E 60 -8.84 -7.23 32.50
N SER E 61 -9.55 -6.11 32.43
CA SER E 61 -9.03 -4.92 33.10
C SER E 61 -10.16 -4.09 33.71
N TYR E 62 -9.96 -3.69 34.96
CA TYR E 62 -10.87 -2.83 35.69
C TYR E 62 -10.24 -1.45 35.76
N THR E 63 -11.04 -0.42 35.56
CA THR E 63 -10.51 0.91 35.35
C THR E 63 -11.25 1.94 36.17
N GLY E 64 -10.47 2.86 36.75
CA GLY E 64 -11.03 3.88 37.59
C GLY E 64 -10.83 3.55 39.06
N SER E 65 -11.82 3.91 39.86
CA SER E 65 -11.81 3.66 41.29
C SER E 65 -12.48 2.34 41.65
N VAL E 66 -12.79 1.49 40.67
CA VAL E 66 -13.34 0.16 40.95
C VAL E 66 -12.27 -0.92 40.84
N LYS E 67 -11.00 -0.55 40.95
CA LYS E 67 -9.93 -1.53 40.82
C LYS E 67 -9.84 -2.40 42.05
N GLY E 68 -9.93 -3.71 41.83
CA GLY E 68 -9.75 -4.67 42.91
C GLY E 68 -11.00 -5.00 43.68
N ARG E 69 -11.79 -3.99 44.03
CA ARG E 69 -12.97 -4.21 44.85
C ARG E 69 -14.06 -4.93 44.06
N PHE E 70 -14.04 -4.81 42.73
CA PHE E 70 -14.99 -5.49 41.86
C PHE E 70 -14.22 -6.54 41.08
N THR E 71 -14.92 -7.49 40.49
CA THR E 71 -14.30 -8.52 39.67
C THR E 71 -15.35 -9.09 38.72
N ILE E 72 -15.03 -9.15 37.43
CA ILE E 72 -15.97 -9.67 36.45
C ILE E 72 -15.41 -10.95 35.85
N SER E 73 -16.31 -11.75 35.28
CA SER E 73 -15.95 -12.94 34.52
C SER E 73 -17.14 -13.25 33.62
N ARG E 74 -16.97 -14.26 32.76
CA ARG E 74 -18.03 -14.55 31.81
C ARG E 74 -18.13 -16.03 31.53
N ASP E 75 -19.32 -16.42 31.07
CA ASP E 75 -19.69 -17.80 30.79
C ASP E 75 -20.07 -17.86 29.33
N ASN E 76 -19.26 -18.57 28.53
CA ASN E 76 -19.48 -18.64 27.09
C ASN E 76 -20.68 -19.54 26.78
N ALA E 77 -20.78 -20.69 27.44
CA ALA E 77 -21.78 -21.67 27.05
C ALA E 77 -23.16 -21.31 27.58
N LYS E 78 -23.23 -20.42 28.57
CA LYS E 78 -24.52 -19.99 29.09
C LYS E 78 -24.92 -18.59 28.63
N ASN E 79 -24.12 -17.96 27.77
CA ASN E 79 -24.35 -16.63 27.21
C ASN E 79 -24.54 -15.58 28.31
N THR E 80 -23.56 -15.52 29.22
CA THR E 80 -23.76 -14.75 30.44
C THR E 80 -22.52 -13.96 30.80
N LEU E 81 -22.73 -12.75 31.31
CA LEU E 81 -21.71 -11.95 31.96
C LEU E 81 -21.96 -11.91 33.46
N TYR E 82 -20.90 -12.06 34.26
CA TYR E 82 -20.96 -11.94 35.71
C TYR E 82 -20.13 -10.76 36.14
N LEU E 83 -20.67 -9.93 37.04
CA LEU E 83 -19.90 -8.89 37.72
C LEU E 83 -20.19 -8.97 39.20
N GLN E 84 -19.21 -9.43 39.98
CA GLN E 84 -19.31 -9.52 41.42
C GLN E 84 -18.69 -8.28 42.04
N MET E 85 -19.47 -7.56 42.85
CA MET E 85 -19.00 -6.34 43.47
C MET E 85 -18.97 -6.49 44.98
N ASN E 86 -17.91 -5.99 45.59
CA ASN E 86 -17.76 -5.88 47.04
C ASN E 86 -17.42 -4.45 47.37
N SER E 87 -17.80 -4.02 48.58
CA SER E 87 -17.46 -2.71 49.14
C SER E 87 -17.95 -1.56 48.27
N LEU E 88 -19.28 -1.43 48.16
CA LEU E 88 -19.87 -0.34 47.41
C LEU E 88 -19.72 0.98 48.15
N LYS E 89 -20.22 2.05 47.53
CA LYS E 89 -20.04 3.41 47.98
C LYS E 89 -21.27 4.24 47.59
N PRO E 90 -21.41 5.45 48.12
CA PRO E 90 -22.48 6.34 47.63
C PRO E 90 -22.31 6.78 46.19
N GLU E 91 -21.10 6.80 45.65
CA GLU E 91 -20.91 7.29 44.29
C GLU E 91 -21.20 6.22 43.23
N ASP E 92 -21.31 4.96 43.61
CA ASP E 92 -21.67 3.91 42.67
C ASP E 92 -23.17 3.76 42.50
N THR E 93 -23.96 4.72 42.98
CA THR E 93 -25.38 4.80 42.64
C THR E 93 -25.50 5.03 41.16
N ALA E 94 -25.94 4.00 40.43
CA ALA E 94 -25.81 4.07 38.98
C ALA E 94 -26.82 3.15 38.33
N VAL E 95 -26.95 3.31 37.03
CA VAL E 95 -27.59 2.32 36.17
C VAL E 95 -26.48 1.54 35.53
N TYR E 96 -26.66 0.24 35.36
CA TYR E 96 -25.58 -0.61 34.85
C TYR E 96 -26.04 -1.33 33.61
N TYR E 97 -25.33 -1.10 32.50
CA TYR E 97 -25.61 -1.70 31.20
C TYR E 97 -24.46 -2.62 30.84
N CYS E 98 -24.79 -3.81 30.33
CA CYS E 98 -23.77 -4.68 29.76
C CYS E 98 -23.67 -4.38 28.27
N ALA E 99 -22.51 -3.91 27.84
CA ALA E 99 -22.34 -3.44 26.47
C ALA E 99 -21.42 -4.35 25.70
N ARG E 100 -21.58 -4.32 24.38
CA ARG E 100 -21.02 -5.30 23.48
C ARG E 100 -20.06 -4.63 22.51
N CYS E 101 -19.01 -5.35 22.12
CA CYS E 101 -18.16 -4.96 21.03
C CYS E 101 -18.97 -4.89 19.73
N PRO E 102 -18.69 -3.93 18.85
CA PRO E 102 -19.52 -3.80 17.65
C PRO E 102 -19.25 -4.83 16.58
N ALA E 103 -18.09 -5.46 16.59
CA ALA E 103 -17.72 -6.39 15.54
C ALA E 103 -16.96 -7.57 16.11
N PRO E 104 -17.10 -8.76 15.51
CA PRO E 104 -16.36 -9.91 15.99
C PRO E 104 -14.88 -9.83 15.66
N PHE E 105 -14.09 -10.53 16.49
CA PHE E 105 -12.65 -10.73 16.29
C PHE E 105 -11.87 -9.42 16.28
N THR E 106 -12.23 -8.51 17.19
CA THR E 106 -11.58 -7.21 17.28
C THR E 106 -10.90 -7.04 18.63
N ARG E 107 -9.80 -6.30 18.62
CA ARG E 107 -9.20 -5.84 19.86
C ARG E 107 -9.65 -4.43 20.22
N ASP E 108 -10.53 -3.84 19.42
CA ASP E 108 -11.01 -2.48 19.60
C ASP E 108 -12.46 -2.50 20.07
N CYS E 109 -12.91 -1.43 20.71
CA CYS E 109 -14.29 -1.36 21.19
C CYS E 109 -14.68 0.09 21.46
N PHE E 110 -15.71 0.57 20.75
CA PHE E 110 -16.32 1.88 21.02
C PHE E 110 -17.82 1.70 21.24
N ASP E 111 -18.20 1.54 22.51
CA ASP E 111 -19.59 1.32 22.85
C ASP E 111 -20.02 2.18 24.02
N VAL E 112 -19.07 2.56 24.86
CA VAL E 112 -19.43 3.12 26.15
C VAL E 112 -19.90 4.57 26.02
N THR E 113 -19.13 5.42 25.36
CA THR E 113 -19.44 6.84 25.38
C THR E 113 -20.30 7.20 24.18
N SER E 114 -21.38 6.43 24.03
CA SER E 114 -22.33 6.62 22.95
C SER E 114 -23.56 7.29 23.52
N THR E 115 -24.07 8.29 22.82
CA THR E 115 -25.37 8.85 23.19
C THR E 115 -26.45 7.80 23.05
N THR E 116 -26.48 7.12 21.91
CA THR E 116 -27.22 5.88 21.77
C THR E 116 -26.35 4.86 21.05
N TYR E 117 -26.69 3.60 21.25
CA TYR E 117 -25.96 2.47 20.73
C TYR E 117 -27.00 1.45 20.32
N ALA E 118 -26.57 0.37 19.70
CA ALA E 118 -27.54 -0.62 19.27
C ALA E 118 -27.41 -1.98 19.94
N TYR E 119 -26.37 -2.20 20.73
CA TYR E 119 -26.09 -3.51 21.30
C TYR E 119 -25.87 -3.48 22.80
N ARG E 120 -26.72 -2.78 23.55
CA ARG E 120 -26.67 -2.81 25.00
C ARG E 120 -28.08 -2.71 25.56
N GLY E 121 -28.33 -3.46 26.63
CA GLY E 121 -29.65 -3.55 27.19
C GLY E 121 -30.00 -2.38 28.09
N GLN E 122 -31.23 -2.42 28.59
CA GLN E 122 -31.75 -1.28 29.34
C GLN E 122 -31.30 -1.31 30.79
N GLY E 123 -30.79 -2.43 31.24
CA GLY E 123 -29.90 -2.39 32.39
C GLY E 123 -30.63 -2.45 33.72
N THR E 124 -29.88 -2.68 34.79
CA THR E 124 -30.41 -2.66 36.14
C THR E 124 -29.99 -1.37 36.83
N GLN E 125 -30.61 -1.10 37.97
CA GLN E 125 -30.31 0.08 38.76
C GLN E 125 -29.80 -0.33 40.13
N VAL E 126 -28.61 0.12 40.50
CA VAL E 126 -28.07 -0.11 41.83
C VAL E 126 -28.04 1.21 42.59
N THR E 127 -28.42 1.14 43.86
CA THR E 127 -28.51 2.29 44.74
C THR E 127 -28.01 1.86 46.11
N VAL E 128 -27.70 2.85 46.95
CA VAL E 128 -27.24 2.57 48.30
C VAL E 128 -28.12 3.31 49.29
N SER E 129 -28.07 2.88 50.55
CA SER E 129 -28.78 3.57 51.60
C SER E 129 -27.85 4.57 52.29
N SER E 130 -28.44 5.60 52.87
CA SER E 130 -27.68 6.62 53.58
C SER E 130 -28.44 7.09 54.81
N ALA F 7 -42.83 9.99 25.49
CA ALA F 7 -41.57 9.69 24.85
C ALA F 7 -41.63 8.33 24.15
N SER F 8 -41.93 7.29 24.93
CA SER F 8 -41.95 5.93 24.41
C SER F 8 -43.24 5.62 23.66
N ILE F 9 -44.25 6.49 23.74
CA ILE F 9 -45.54 6.23 23.12
C ILE F 9 -45.42 6.27 21.61
N ALA F 10 -44.60 7.19 21.09
CA ALA F 10 -44.49 7.37 19.64
C ALA F 10 -43.77 6.19 18.99
N GLN F 11 -42.68 5.72 19.60
CA GLN F 11 -42.01 4.55 19.07
C GLN F 11 -42.85 3.30 19.25
N ALA F 12 -43.68 3.25 20.30
CA ALA F 12 -44.53 2.08 20.51
C ALA F 12 -45.64 1.99 19.47
N ARG F 13 -46.32 3.11 19.17
CA ARG F 13 -47.35 3.10 18.14
C ARG F 13 -46.74 2.85 16.76
N LYS F 14 -45.52 3.35 16.55
CA LYS F 14 -44.84 3.10 15.28
C LYS F 14 -44.50 1.62 15.12
N LEU F 15 -44.01 0.98 16.18
CA LEU F 15 -43.61 -0.42 16.04
C LEU F 15 -44.81 -1.33 15.93
N VAL F 16 -45.91 -1.01 16.64
CA VAL F 16 -47.08 -1.89 16.53
C VAL F 16 -47.76 -1.70 15.18
N GLU F 17 -47.66 -0.50 14.58
CA GLU F 17 -48.16 -0.31 13.23
C GLU F 17 -47.31 -1.06 12.21
N GLN F 18 -45.98 -0.92 12.30
CA GLN F 18 -45.09 -1.53 11.32
C GLN F 18 -45.03 -3.05 11.49
N LEU F 19 -45.56 -3.57 12.59
CA LEU F 19 -45.60 -5.01 12.78
C LEU F 19 -47.02 -5.57 12.72
N LYS F 20 -48.05 -4.72 12.73
CA LYS F 20 -49.37 -5.23 12.40
C LYS F 20 -49.59 -5.26 10.89
N MET F 21 -48.90 -4.38 10.13
CA MET F 21 -48.94 -4.52 8.68
C MET F 21 -48.26 -5.81 8.25
N GLU F 22 -47.21 -6.21 8.98
CA GLU F 22 -46.60 -7.52 8.77
C GLU F 22 -47.56 -8.63 9.19
N ALA F 23 -48.50 -8.32 10.10
CA ALA F 23 -49.54 -9.26 10.47
C ALA F 23 -50.77 -9.17 9.57
N ASN F 24 -50.85 -8.17 8.69
CA ASN F 24 -51.93 -8.09 7.71
C ASN F 24 -51.42 -7.95 6.27
N ILE F 25 -50.34 -8.66 5.94
CA ILE F 25 -49.97 -8.96 4.56
C ILE F 25 -49.97 -10.47 4.43
N ASP F 26 -50.56 -10.97 3.34
CA ASP F 26 -50.58 -12.40 3.05
C ASP F 26 -49.16 -12.92 2.92
N ARG F 27 -48.74 -13.72 3.90
CA ARG F 27 -47.39 -14.26 3.94
C ARG F 27 -47.44 -15.71 3.46
N ILE F 28 -46.89 -15.93 2.28
CA ILE F 28 -47.03 -17.21 1.59
C ILE F 28 -45.73 -17.97 1.84
N LYS F 29 -45.69 -19.25 1.49
CA LYS F 29 -44.64 -20.18 1.88
C LYS F 29 -43.28 -19.80 1.31
N VAL F 30 -42.24 -20.38 1.92
CA VAL F 30 -40.87 -20.25 1.43
C VAL F 30 -40.72 -20.98 0.09
N SER F 31 -41.44 -22.10 -0.07
CA SER F 31 -41.47 -22.80 -1.34
C SER F 31 -42.09 -21.95 -2.44
N LYS F 32 -43.06 -21.10 -2.08
CA LYS F 32 -43.65 -20.17 -3.03
C LYS F 32 -42.63 -19.12 -3.49
N ALA F 33 -41.85 -18.60 -2.56
CA ALA F 33 -40.85 -17.59 -2.92
C ALA F 33 -39.70 -18.19 -3.71
N ALA F 34 -39.30 -19.40 -3.37
CA ALA F 34 -38.23 -20.06 -4.12
C ALA F 34 -38.71 -20.48 -5.50
N ALA F 35 -40.01 -20.79 -5.63
CA ALA F 35 -40.57 -21.00 -6.95
C ALA F 35 -40.60 -19.69 -7.75
N ASP F 36 -40.79 -18.56 -7.08
CA ASP F 36 -40.74 -17.27 -7.77
C ASP F 36 -39.33 -16.97 -8.27
N LEU F 37 -38.33 -17.20 -7.43
CA LEU F 37 -36.94 -16.99 -7.84
C LEU F 37 -36.52 -17.97 -8.93
N MET F 38 -37.04 -19.20 -8.88
CA MET F 38 -36.70 -20.18 -9.90
C MET F 38 -37.42 -19.86 -11.22
N ALA F 39 -38.63 -19.32 -11.14
CA ALA F 39 -39.33 -18.90 -12.34
C ALA F 39 -38.63 -17.72 -12.99
N TYR F 40 -38.15 -16.77 -12.17
CA TYR F 40 -37.40 -15.65 -12.72
C TYR F 40 -36.04 -16.11 -13.24
N CYS F 41 -35.48 -17.16 -12.63
CA CYS F 41 -34.24 -17.75 -13.14
C CYS F 41 -34.42 -18.35 -14.52
N GLU F 42 -35.46 -19.18 -14.70
CA GLU F 42 -35.65 -19.83 -15.99
C GLU F 42 -36.18 -18.86 -17.03
N ALA F 43 -36.76 -17.75 -16.61
CA ALA F 43 -37.17 -16.73 -17.56
C ALA F 43 -36.02 -15.79 -17.93
N HIS F 44 -34.99 -15.72 -17.10
CA HIS F 44 -33.87 -14.82 -17.38
C HIS F 44 -32.51 -15.52 -17.47
N ALA F 45 -32.48 -16.83 -17.73
CA ALA F 45 -31.20 -17.51 -17.88
C ALA F 45 -30.70 -17.42 -19.32
N LYS F 46 -31.60 -17.10 -20.25
CA LYS F 46 -31.23 -17.17 -21.67
C LYS F 46 -30.51 -15.89 -22.11
N GLU F 47 -30.88 -14.75 -21.53
CA GLU F 47 -30.44 -13.46 -22.05
C GLU F 47 -29.28 -12.85 -21.26
N ASP F 48 -28.94 -13.39 -20.11
CA ASP F 48 -27.93 -12.74 -19.27
C ASP F 48 -26.53 -13.09 -19.76
N PRO F 49 -25.65 -12.10 -19.91
CA PRO F 49 -24.29 -12.40 -20.37
C PRO F 49 -23.39 -12.94 -19.27
N LEU F 50 -23.89 -12.96 -18.02
CA LEU F 50 -23.06 -13.42 -16.92
C LEU F 50 -23.11 -14.94 -16.79
N LEU F 51 -24.30 -15.52 -16.87
CA LEU F 51 -24.39 -16.98 -16.77
C LEU F 51 -23.92 -17.65 -18.05
N THR F 52 -24.47 -17.25 -19.20
CA THR F 52 -24.07 -17.81 -20.48
C THR F 52 -22.86 -17.07 -21.01
N PRO F 53 -21.69 -17.70 -21.08
CA PRO F 53 -20.50 -16.97 -21.51
C PRO F 53 -20.56 -16.64 -22.99
N VAL F 54 -19.80 -15.62 -23.37
CA VAL F 54 -19.96 -15.02 -24.70
C VAL F 54 -18.62 -14.96 -25.41
N PRO F 55 -18.57 -15.30 -26.69
CA PRO F 55 -17.31 -15.19 -27.43
C PRO F 55 -17.00 -13.76 -27.83
N ALA F 56 -15.82 -13.58 -28.43
CA ALA F 56 -15.21 -12.26 -28.51
C ALA F 56 -15.85 -11.39 -29.58
N SER F 57 -16.61 -11.98 -30.49
CA SER F 57 -17.16 -11.21 -31.61
C SER F 57 -18.32 -10.33 -31.16
N GLU F 58 -19.23 -10.87 -30.36
CA GLU F 58 -20.41 -10.16 -29.89
C GLU F 58 -20.27 -9.68 -28.45
N ASN F 59 -19.05 -9.51 -27.96
CA ASN F 59 -18.76 -8.96 -26.64
C ASN F 59 -17.99 -7.66 -26.80
N PRO F 60 -18.53 -6.52 -26.37
CA PRO F 60 -17.86 -5.24 -26.58
C PRO F 60 -16.78 -4.91 -25.57
N PHE F 61 -16.38 -5.84 -24.72
CA PHE F 61 -15.40 -5.56 -23.67
C PHE F 61 -14.04 -6.18 -23.93
N ARG F 62 -13.80 -6.68 -25.14
CA ARG F 62 -12.53 -7.32 -25.44
C ARG F 62 -11.44 -6.31 -25.79
#